data_4M9Y
#
_entry.id   4M9Y
#
_cell.length_a   181.129
_cell.length_b   181.129
_cell.length_c   202.003
_cell.angle_alpha   90.00
_cell.angle_beta   90.00
_cell.angle_gamma   90.00
#
_symmetry.space_group_name_H-M   'I 4 2 2'
#
loop_
_entity.id
_entity.type
_entity.pdbx_description
1 polymer 'Cell death protein 4'
2 polymer 'CED-3 fragment'
3 non-polymer 'MAGNESIUM ION'
4 non-polymer "ADENOSINE-5'-TRIPHOSPHATE"
#
loop_
_entity_poly.entity_id
_entity_poly.type
_entity_poly.pdbx_seq_one_letter_code
_entity_poly.pdbx_strand_id
1 'polypeptide(L)'
;(MSE)LCEIECRALSTAHTRLIHDFEPRDALTYLEGKNIFTEDHSELISK(MSE)STRLERIANFLRIYRRQASELGPLI
DFFNYNNQSHLADFLEDYIDFAINEPDLLRPVVIAPQFSRQ(MSE)LDRKLLLGNVPKQ(MSE)TCYIREYHVDRVIKKL
DE(MSE)CDLDSFFLFLHGRAGSGKSVIASQALSKSDQLIGINYDSIVWLKDSGTAPKSTFDLFTDILL(MSE)LKSEDD
LLNFPSVEHVTSVVLKR(MSE)ICNALIDRPNTLFVFDDVVQEETIRWAQELRLRCLVTTRDVEISNAASQTCEFIEVTS
LEIDECYDFLEAYG(MSE)P(MSE)PVGEKEEDVLNKTIELSSGNPATL(MSE)(MSE)FFKSCEPKTFEK(MSE)AQLN
NKLESRGLVGVECITPYSYKSLA(MSE)ALQRCVEVLSDEDRSALAFAVV(MSE)PPGVDIPVKLWSCVIPVDICSNEEE
QLDDEVADRLKRLSKRGALLSGKR(MSE)PVLTFKIDHIIH(MSE)FLKHVVDAQTIANGISILEQRLLEIGNNNVSVPE
RHIPSHFQKFRRSSASE(MSE)YPKTTEETVIRPEDFPKF(MSE)QLHQKFYDSLKNFACC
;
A,B
2 'polypeptide(L)' PLFNF(MSE)GC C,D
#
loop_
_chem_comp.id
_chem_comp.type
_chem_comp.name
_chem_comp.formula
ATP non-polymer ADENOSINE-5'-TRIPHOSPHATE 'C10 H16 N5 O13 P3'
MG non-polymer 'MAGNESIUM ION' 'Mg 2'
#
# COMPACT_ATOMS: atom_id res chain seq x y z
N MSE A 1 18.53 -25.05 28.93
CA MSE A 1 17.82 -24.28 27.92
C MSE A 1 18.00 -25.01 26.57
O MSE A 1 18.97 -25.76 26.41
CB MSE A 1 18.37 -22.87 27.85
CG MSE A 1 17.38 -21.87 27.24
SE MSE A 1 18.06 -20.72 25.83
CE MSE A 1 17.13 -21.58 24.36
N LEU A 2 17.12 -24.78 25.61
CA LEU A 2 17.25 -25.44 24.30
C LEU A 2 18.25 -24.81 23.31
N CYS A 3 17.74 -24.35 22.18
CA CYS A 3 18.51 -23.63 21.16
C CYS A 3 17.66 -23.38 19.91
N GLU A 4 18.28 -22.84 18.86
CA GLU A 4 17.58 -22.51 17.62
C GLU A 4 17.04 -23.75 16.85
N ILE A 5 17.77 -24.88 16.87
CA ILE A 5 17.32 -26.11 16.20
C ILE A 5 16.08 -26.75 16.85
N GLU A 6 16.15 -26.98 18.16
CA GLU A 6 15.09 -27.64 18.94
C GLU A 6 13.85 -26.77 19.02
N CYS A 7 14.08 -25.47 18.90
CA CYS A 7 12.99 -24.51 18.93
C CYS A 7 12.46 -24.38 17.52
N ARG A 8 13.31 -24.63 16.51
CA ARG A 8 12.80 -24.63 15.15
C ARG A 8 11.88 -25.82 14.99
N ALA A 9 12.14 -26.88 15.76
CA ALA A 9 11.26 -28.05 15.73
C ALA A 9 9.96 -27.75 16.46
N LEU A 10 10.09 -27.13 17.63
CA LEU A 10 8.90 -26.72 18.41
C LEU A 10 8.02 -25.66 17.74
N SER A 11 8.62 -24.89 16.82
CA SER A 11 7.90 -23.84 16.10
C SER A 11 7.28 -24.39 14.81
N THR A 12 8.03 -25.23 14.12
CA THR A 12 7.57 -25.86 12.88
C THR A 12 6.36 -26.74 13.21
N ALA A 13 6.47 -27.52 14.28
CA ALA A 13 5.36 -28.35 14.75
C ALA A 13 4.31 -27.66 15.63
N HIS A 14 3.86 -26.46 15.29
CA HIS A 14 2.88 -25.77 16.15
C HIS A 14 1.41 -25.90 15.70
N THR A 15 1.14 -25.92 14.39
CA THR A 15 -0.22 -26.19 13.90
C THR A 15 -0.77 -27.49 14.52
N ARG A 16 0.16 -28.41 14.81
CA ARG A 16 -0.19 -29.71 15.36
C ARG A 16 -0.31 -29.58 16.86
N LEU A 17 0.64 -28.91 17.51
CA LEU A 17 0.54 -28.78 18.96
C LEU A 17 -0.71 -27.97 19.31
N ILE A 18 -1.34 -27.39 18.30
CA ILE A 18 -2.61 -26.68 18.46
C ILE A 18 -3.78 -27.62 18.14
N HIS A 19 -3.59 -28.50 17.16
CA HIS A 19 -4.68 -29.41 16.74
C HIS A 19 -4.95 -30.55 17.73
N ASP A 20 -3.92 -31.04 18.40
CA ASP A 20 -4.08 -32.09 19.40
C ASP A 20 -2.95 -32.07 20.44
N PHE A 21 -3.30 -31.56 21.63
CA PHE A 21 -2.37 -31.36 22.74
C PHE A 21 -3.08 -30.64 23.89
N GLU A 22 -2.46 -30.70 25.07
CA GLU A 22 -2.94 -30.01 26.25
C GLU A 22 -1.79 -30.03 27.26
N PRO A 23 -1.36 -28.85 27.72
CA PRO A 23 -0.22 -28.75 28.64
C PRO A 23 -0.51 -29.37 30.02
N ARG A 24 -1.78 -29.46 30.38
CA ARG A 24 -2.17 -30.08 31.64
C ARG A 24 -1.82 -31.55 31.60
N ASP A 25 -1.91 -32.13 30.42
CA ASP A 25 -1.60 -33.53 30.24
C ASP A 25 -0.12 -33.76 30.54
N ALA A 26 0.70 -32.75 30.29
CA ALA A 26 2.16 -32.90 30.42
C ALA A 26 2.78 -32.35 31.71
N LEU A 27 2.04 -31.52 32.46
CA LEU A 27 2.64 -30.89 33.66
C LEU A 27 3.08 -31.93 34.70
N THR A 28 2.21 -32.91 34.92
CA THR A 28 2.48 -33.98 35.86
C THR A 28 3.64 -34.87 35.41
N TYR A 29 3.66 -35.23 34.14
CA TYR A 29 4.71 -36.06 33.59
C TYR A 29 6.07 -35.32 33.58
N LEU A 30 6.03 -33.98 33.65
CA LEU A 30 7.24 -33.14 33.61
C LEU A 30 7.85 -32.49 34.89
N GLU A 31 7.05 -32.20 35.91
CA GLU A 31 7.63 -31.81 37.21
C GLU A 31 8.60 -32.87 37.74
N GLY A 32 8.40 -34.10 37.28
CA GLY A 32 9.16 -35.27 37.72
C GLY A 32 10.52 -35.24 37.04
N LYS A 33 10.61 -35.28 35.72
CA LYS A 33 11.92 -35.28 35.07
C LYS A 33 12.70 -33.97 35.28
N ASN A 34 12.27 -33.13 36.22
CA ASN A 34 13.03 -31.93 36.59
C ASN A 34 13.19 -30.89 35.51
N ILE A 35 12.09 -30.21 35.20
CA ILE A 35 12.08 -29.28 34.09
C ILE A 35 11.08 -28.15 34.46
N PHE A 36 10.48 -28.23 35.65
CA PHE A 36 9.55 -27.18 36.10
C PHE A 36 9.75 -26.74 37.55
N THR A 37 8.87 -25.84 37.99
CA THR A 37 8.86 -25.31 39.35
C THR A 37 7.40 -25.03 39.70
N GLU A 38 7.03 -25.02 40.97
CA GLU A 38 5.61 -24.92 41.31
C GLU A 38 5.01 -23.56 40.97
N ASP A 39 5.82 -22.56 40.64
CA ASP A 39 5.18 -21.40 40.05
C ASP A 39 5.05 -21.61 38.56
N HIS A 40 6.00 -22.28 37.94
CA HIS A 40 5.90 -22.57 36.51
C HIS A 40 4.59 -23.32 36.24
N SER A 41 4.43 -24.39 37.00
CA SER A 41 3.27 -25.26 36.92
C SER A 41 2.03 -24.52 37.38
N GLU A 42 2.19 -23.57 38.31
CA GLU A 42 1.07 -22.71 38.70
C GLU A 42 0.62 -21.87 37.52
N LEU A 43 1.57 -21.23 36.83
CA LEU A 43 1.31 -20.33 35.72
C LEU A 43 0.64 -21.06 34.56
N ILE A 44 1.06 -22.30 34.29
CA ILE A 44 0.45 -23.05 33.20
C ILE A 44 -0.82 -23.84 33.57
N SER A 45 -0.99 -24.18 34.84
CA SER A 45 -2.18 -24.96 35.24
C SER A 45 -3.51 -24.19 35.35
N LYS A 46 -3.48 -22.94 35.82
CA LYS A 46 -4.67 -22.09 35.81
C LYS A 46 -4.77 -21.07 34.68
N MSE A 47 -5.20 -21.51 33.50
CA MSE A 47 -5.36 -20.60 32.36
C MSE A 47 -6.65 -20.88 31.59
O MSE A 47 -6.88 -22.00 31.16
CB MSE A 47 -4.18 -20.70 31.39
CG MSE A 47 -2.80 -20.50 32.01
SE MSE A 47 -2.17 -18.66 32.17
CE MSE A 47 -3.68 -17.69 31.42
N SER A 48 -7.49 -19.85 31.44
CA SER A 48 -8.81 -20.00 30.83
C SER A 48 -8.81 -20.66 29.44
N THR A 49 -8.09 -20.11 28.48
CA THR A 49 -8.02 -20.73 27.16
C THR A 49 -6.78 -21.64 27.09
N ARG A 50 -6.74 -22.57 26.12
CA ARG A 50 -5.61 -23.49 25.95
C ARG A 50 -4.38 -22.94 25.23
N LEU A 51 -4.60 -22.07 24.25
CA LEU A 51 -3.50 -21.43 23.52
C LEU A 51 -2.63 -20.64 24.49
N GLU A 52 -3.21 -20.28 25.62
CA GLU A 52 -2.47 -19.68 26.72
C GLU A 52 -1.56 -20.70 27.40
N ARG A 53 -2.12 -21.83 27.83
CA ARG A 53 -1.31 -22.87 28.47
C ARG A 53 -0.24 -23.44 27.54
N ILE A 54 -0.52 -23.45 26.25
CA ILE A 54 0.43 -23.92 25.23
C ILE A 54 1.54 -22.91 25.00
N ALA A 55 1.19 -21.63 24.86
CA ALA A 55 2.21 -20.61 24.64
C ALA A 55 3.10 -20.44 25.89
N ASN A 56 2.50 -20.59 27.07
CA ASN A 56 3.25 -20.64 28.32
C ASN A 56 4.05 -21.93 28.53
N PHE A 57 3.54 -23.03 27.99
CA PHE A 57 4.24 -24.30 28.12
C PHE A 57 5.46 -24.30 27.22
N LEU A 58 5.32 -23.77 26.01
CA LEU A 58 6.46 -23.70 25.09
C LEU A 58 7.44 -22.59 25.45
N ARG A 59 6.96 -21.51 26.05
CA ARG A 59 7.88 -20.49 26.54
C ARG A 59 8.65 -21.01 27.75
N ILE A 60 7.95 -21.39 28.82
CA ILE A 60 8.62 -21.92 30.01
C ILE A 60 9.51 -23.13 29.67
N TYR A 61 9.04 -23.99 28.76
CA TYR A 61 9.82 -25.19 28.43
C TYR A 61 11.10 -24.83 27.69
N ARG A 62 11.04 -23.89 26.73
CA ARG A 62 12.25 -23.63 25.96
C ARG A 62 13.38 -23.11 26.88
N ARG A 63 13.00 -22.65 28.07
CA ARG A 63 13.95 -22.09 29.05
C ARG A 63 14.43 -23.11 30.10
N GLN A 64 13.52 -24.02 30.45
CA GLN A 64 13.70 -24.89 31.62
C GLN A 64 14.49 -26.19 31.45
N ALA A 65 14.29 -26.86 30.32
CA ALA A 65 14.86 -28.18 30.11
C ALA A 65 16.29 -28.15 29.61
N SER A 66 17.09 -29.10 30.12
CA SER A 66 18.45 -29.28 29.68
C SER A 66 18.47 -29.84 28.26
N GLU A 67 17.31 -30.33 27.80
CA GLU A 67 17.19 -30.94 26.49
C GLU A 67 15.75 -31.14 26.01
N LEU A 68 15.59 -31.66 24.79
CA LEU A 68 14.27 -31.91 24.23
C LEU A 68 13.95 -33.40 24.32
N GLY A 69 14.25 -34.00 25.46
CA GLY A 69 13.96 -35.40 25.70
C GLY A 69 12.56 -35.64 26.21
N PRO A 70 12.28 -35.15 27.44
CA PRO A 70 11.01 -35.28 28.18
C PRO A 70 9.80 -34.63 27.51
N LEU A 71 9.79 -34.58 26.18
CA LEU A 71 8.62 -34.09 25.45
C LEU A 71 8.35 -35.04 24.28
N ILE A 72 9.38 -35.79 23.91
CA ILE A 72 9.17 -36.95 23.04
C ILE A 72 8.67 -38.11 23.87
N ASP A 73 9.33 -38.32 25.01
CA ASP A 73 8.88 -39.30 26.01
C ASP A 73 7.56 -38.91 26.69
N PHE A 74 6.73 -38.12 26.02
CA PHE A 74 5.40 -37.82 26.55
C PHE A 74 4.26 -37.86 25.55
N PHE A 75 4.45 -37.24 24.38
CA PHE A 75 3.43 -37.30 23.36
C PHE A 75 3.24 -38.76 22.98
N ASN A 76 4.29 -39.54 23.18
CA ASN A 76 4.22 -40.97 23.09
C ASN A 76 3.20 -41.59 24.04
N TYR A 77 3.44 -41.50 25.35
CA TYR A 77 2.54 -42.14 26.33
C TYR A 77 1.10 -41.64 26.25
N ASN A 78 0.88 -40.38 25.86
CA ASN A 78 -0.47 -39.81 25.88
C ASN A 78 -1.32 -40.09 24.64
N ASN A 79 -0.92 -41.07 23.83
CA ASN A 79 -1.64 -41.38 22.60
C ASN A 79 -1.68 -40.24 21.59
N GLN A 80 -0.92 -39.19 21.88
CA GLN A 80 -0.73 -38.07 20.97
C GLN A 80 0.63 -38.36 20.38
N SER A 81 0.87 -39.64 20.10
CA SER A 81 2.14 -40.13 19.61
C SER A 81 2.43 -39.65 18.22
N HIS A 82 1.35 -39.24 17.56
CA HIS A 82 1.43 -38.64 16.24
C HIS A 82 2.23 -37.34 16.26
N LEU A 83 2.46 -36.81 17.47
CA LEU A 83 3.33 -35.65 17.68
C LEU A 83 4.80 -36.03 17.91
N ALA A 84 5.04 -36.80 18.97
CA ALA A 84 6.39 -37.22 19.36
C ALA A 84 7.09 -37.98 18.24
N ASP A 85 6.30 -38.52 17.31
CA ASP A 85 6.88 -39.19 16.16
C ASP A 85 7.42 -38.13 15.20
N PHE A 86 6.63 -37.07 14.99
CA PHE A 86 7.09 -35.96 14.16
C PHE A 86 8.36 -35.28 14.69
N LEU A 87 8.40 -35.01 16.00
CA LEU A 87 9.57 -34.36 16.58
C LEU A 87 10.80 -35.27 16.60
N GLU A 88 10.61 -36.57 16.87
CA GLU A 88 11.76 -37.47 16.80
C GLU A 88 12.25 -37.59 15.35
N ASP A 89 11.33 -37.47 14.40
CA ASP A 89 11.71 -37.49 12.99
C ASP A 89 12.55 -36.24 12.68
N TYR A 90 12.17 -35.08 13.21
CA TYR A 90 12.95 -33.87 12.92
C TYR A 90 14.34 -33.88 13.55
N ILE A 91 14.40 -34.32 14.81
CA ILE A 91 15.69 -34.38 15.46
C ILE A 91 16.56 -35.46 14.82
N ASP A 92 15.95 -36.45 14.16
CA ASP A 92 16.81 -37.46 13.59
C ASP A 92 17.27 -36.98 12.24
N PHE A 93 16.38 -36.33 11.48
CA PHE A 93 16.79 -35.71 10.24
C PHE A 93 17.48 -34.37 10.54
N ALA A 94 18.13 -34.29 11.70
CA ALA A 94 18.89 -33.09 12.05
C ALA A 94 20.28 -33.48 12.56
N ILE A 95 20.38 -34.34 13.58
CA ILE A 95 21.72 -34.73 14.05
C ILE A 95 22.44 -35.61 13.03
N ASN A 96 21.81 -36.73 12.66
CA ASN A 96 22.42 -37.70 11.74
C ASN A 96 22.43 -37.25 10.28
N GLU A 97 21.26 -37.22 9.62
CA GLU A 97 21.23 -36.77 8.22
C GLU A 97 20.83 -35.31 7.98
N PRO A 98 21.82 -34.41 7.82
CA PRO A 98 21.60 -33.00 7.48
C PRO A 98 21.20 -32.84 6.03
N ASP A 99 20.83 -31.62 5.63
CA ASP A 99 20.42 -31.28 4.26
C ASP A 99 19.04 -31.86 4.06
N LEU A 100 18.90 -33.15 4.36
CA LEU A 100 17.70 -33.94 4.09
C LEU A 100 16.52 -33.36 4.87
N LEU A 101 16.86 -32.47 5.80
CA LEU A 101 15.90 -31.86 6.69
C LEU A 101 14.93 -30.97 5.95
N ARG A 102 15.44 -30.15 5.05
CA ARG A 102 14.57 -29.26 4.29
C ARG A 102 13.66 -30.00 3.28
N PRO A 103 14.20 -30.95 2.47
CA PRO A 103 13.32 -31.69 1.56
C PRO A 103 12.33 -32.61 2.28
N VAL A 104 12.79 -33.34 3.30
CA VAL A 104 11.98 -34.40 3.92
C VAL A 104 11.03 -33.97 5.04
N VAL A 105 11.55 -33.52 6.19
CA VAL A 105 10.70 -33.31 7.36
C VAL A 105 10.12 -31.87 7.49
N ILE A 106 10.53 -30.96 6.60
CA ILE A 106 10.09 -29.55 6.69
C ILE A 106 9.15 -29.08 5.56
N ALA A 107 9.48 -29.48 4.33
CA ALA A 107 8.73 -29.10 3.12
C ALA A 107 7.30 -29.63 2.91
N PRO A 108 6.99 -30.90 3.27
CA PRO A 108 5.65 -31.46 3.00
C PRO A 108 4.48 -30.75 3.68
N GLN A 109 4.72 -29.58 4.25
CA GLN A 109 3.66 -28.82 4.90
C GLN A 109 3.58 -27.37 4.46
N PHE A 110 4.41 -26.96 3.50
CA PHE A 110 4.29 -25.62 2.92
C PHE A 110 2.85 -25.39 2.46
N SER A 111 2.44 -24.12 2.40
CA SER A 111 1.07 -23.76 2.00
C SER A 111 0.97 -22.28 1.63
N ARG A 112 0.68 -21.98 0.37
CA ARG A 112 0.70 -20.61 -0.14
C ARG A 112 -0.34 -19.67 0.56
N GLN A 113 -0.84 -20.08 1.72
CA GLN A 113 -1.82 -19.24 2.39
C GLN A 113 -1.29 -18.91 3.79
N MSE A 114 -0.36 -19.75 4.24
CA MSE A 114 0.36 -19.53 5.49
C MSE A 114 1.46 -18.48 5.33
O MSE A 114 1.71 -17.67 6.23
CB MSE A 114 0.94 -20.86 6.00
CG MSE A 114 -0.12 -21.78 6.63
SE MSE A 114 0.60 -23.21 7.76
CE MSE A 114 -0.95 -24.42 7.80
N LEU A 115 2.11 -18.52 4.16
CA LEU A 115 3.11 -17.53 3.82
C LEU A 115 2.57 -16.12 3.97
N ASP A 116 1.53 -15.79 3.23
CA ASP A 116 0.99 -14.43 3.25
C ASP A 116 0.73 -13.97 4.69
N ARG A 117 0.18 -14.86 5.52
CA ARG A 117 0.14 -14.65 6.96
C ARG A 117 1.51 -14.29 7.58
N LYS A 118 2.56 -15.07 7.29
CA LYS A 118 3.86 -14.79 7.90
C LYS A 118 4.49 -13.49 7.38
N LEU A 119 4.34 -13.25 6.09
CA LEU A 119 4.83 -12.05 5.47
C LEU A 119 4.15 -10.85 6.09
N LEU A 120 2.82 -10.89 6.12
CA LEU A 120 2.02 -9.80 6.67
C LEU A 120 2.39 -9.50 8.11
N LEU A 121 2.60 -10.54 8.90
CA LEU A 121 2.84 -10.32 10.31
C LEU A 121 4.26 -9.78 10.51
N GLY A 122 5.13 -10.07 9.55
CA GLY A 122 6.49 -9.55 9.59
C GLY A 122 6.54 -8.22 8.85
N ASN A 123 5.36 -7.66 8.54
CA ASN A 123 5.25 -6.36 7.88
C ASN A 123 6.02 -6.28 6.57
N VAL A 124 6.11 -7.40 5.86
CA VAL A 124 6.69 -7.38 4.53
C VAL A 124 5.69 -6.74 3.57
N PRO A 125 6.16 -5.77 2.79
CA PRO A 125 5.38 -5.01 1.82
C PRO A 125 5.02 -5.88 0.64
N LYS A 126 3.94 -5.52 -0.06
CA LYS A 126 3.37 -6.38 -1.09
C LYS A 126 4.32 -6.38 -2.30
N GLN A 127 4.86 -7.55 -2.63
CA GLN A 127 5.77 -7.74 -3.76
C GLN A 127 5.14 -7.22 -5.04
N MSE A 128 5.97 -6.65 -5.90
CA MSE A 128 5.46 -6.13 -7.15
C MSE A 128 5.29 -7.26 -8.16
O MSE A 128 5.98 -8.27 -8.10
CB MSE A 128 6.38 -5.04 -7.66
CG MSE A 128 6.39 -3.87 -6.69
SE MSE A 128 5.81 -2.19 -7.44
CE MSE A 128 4.43 -2.90 -8.63
N THR A 129 4.34 -7.08 -9.08
CA THR A 129 3.85 -8.18 -9.89
C THR A 129 3.86 -7.99 -11.41
N CYS A 130 3.48 -6.79 -11.87
CA CYS A 130 3.35 -6.54 -13.30
C CYS A 130 4.70 -6.54 -14.02
N TYR A 131 5.78 -6.46 -13.26
CA TYR A 131 7.10 -6.72 -13.81
C TYR A 131 8.02 -7.17 -12.69
N ILE A 132 8.81 -8.20 -12.99
CA ILE A 132 9.79 -8.72 -12.07
C ILE A 132 11.17 -8.76 -12.70
N ARG A 133 12.15 -8.18 -12.02
CA ARG A 133 13.52 -8.30 -12.49
C ARG A 133 13.99 -9.69 -12.14
N GLU A 134 14.01 -10.59 -13.14
CA GLU A 134 14.36 -11.99 -12.94
C GLU A 134 15.65 -12.10 -12.15
N TYR A 135 16.75 -11.74 -12.81
CA TYR A 135 18.11 -11.93 -12.31
C TYR A 135 18.33 -11.64 -10.83
N HIS A 136 17.93 -10.46 -10.39
CA HIS A 136 18.32 -10.00 -9.06
C HIS A 136 17.52 -10.77 -8.01
N VAL A 137 16.20 -10.75 -8.13
CA VAL A 137 15.38 -11.50 -7.18
C VAL A 137 15.82 -12.95 -7.10
N ASP A 138 16.25 -13.49 -8.24
CA ASP A 138 16.74 -14.87 -8.28
C ASP A 138 18.03 -15.00 -7.45
N ARG A 139 18.98 -14.10 -7.68
CA ARG A 139 20.28 -14.23 -7.01
C ARG A 139 20.20 -13.97 -5.52
N VAL A 140 19.31 -13.06 -5.14
CA VAL A 140 18.98 -12.85 -3.74
C VAL A 140 18.49 -14.16 -3.13
N ILE A 141 17.49 -14.78 -3.75
CA ILE A 141 16.96 -16.01 -3.16
C ILE A 141 18.04 -17.08 -3.06
N LYS A 142 18.85 -17.21 -4.11
CA LYS A 142 19.96 -18.16 -4.14
C LYS A 142 20.88 -17.91 -2.94
N LYS A 143 21.42 -16.70 -2.86
CA LYS A 143 22.38 -16.36 -1.81
C LYS A 143 21.76 -16.37 -0.41
N LEU A 144 20.44 -16.36 -0.31
CA LEU A 144 19.80 -16.50 0.98
C LEU A 144 19.72 -17.97 1.36
N ASP A 145 19.41 -18.80 0.37
CA ASP A 145 19.42 -20.24 0.59
C ASP A 145 20.77 -20.73 1.07
N GLU A 146 21.85 -20.16 0.53
CA GLU A 146 23.21 -20.61 0.85
C GLU A 146 23.62 -20.36 2.32
N MSE A 147 22.87 -19.50 3.00
CA MSE A 147 23.27 -18.97 4.30
C MSE A 147 22.32 -19.35 5.45
O MSE A 147 22.64 -19.11 6.62
CB MSE A 147 23.42 -17.45 4.24
CG MSE A 147 24.21 -16.95 3.03
SE MSE A 147 24.41 -15.00 2.91
CE MSE A 147 25.09 -14.85 1.08
N CYS A 148 21.15 -19.89 5.13
CA CYS A 148 20.16 -20.29 6.16
C CYS A 148 20.68 -21.21 7.26
N ASP A 149 21.76 -21.91 6.97
CA ASP A 149 22.44 -22.74 7.95
C ASP A 149 23.12 -21.85 8.99
N LEU A 150 23.80 -20.81 8.50
CA LEU A 150 24.52 -19.84 9.32
C LEU A 150 23.73 -19.23 10.47
N ASP A 151 24.48 -18.86 11.51
CA ASP A 151 23.93 -18.35 12.76
C ASP A 151 23.64 -16.85 12.72
N SER A 152 24.40 -16.13 11.88
CA SER A 152 24.24 -14.69 11.72
C SER A 152 25.06 -14.20 10.52
N PHE A 153 24.48 -13.29 9.73
CA PHE A 153 25.10 -12.88 8.46
C PHE A 153 24.49 -11.63 7.85
N PHE A 154 25.29 -10.89 7.07
CA PHE A 154 24.74 -9.73 6.38
C PHE A 154 24.67 -9.92 4.87
N LEU A 155 23.49 -9.70 4.31
CA LEU A 155 23.33 -9.63 2.88
C LEU A 155 22.96 -8.20 2.56
N PHE A 156 23.78 -7.49 1.80
CA PHE A 156 23.57 -6.08 1.51
C PHE A 156 23.02 -5.90 0.10
N LEU A 157 21.72 -5.65 0.00
CA LEU A 157 21.12 -5.37 -1.30
C LEU A 157 21.18 -3.86 -1.58
N HIS A 158 22.36 -3.41 -1.99
CA HIS A 158 22.63 -1.97 -2.15
C HIS A 158 22.53 -1.39 -3.56
N GLY A 159 21.99 -0.19 -3.67
CA GLY A 159 21.91 0.50 -4.95
C GLY A 159 21.64 1.99 -4.87
N ARG A 160 21.53 2.62 -6.04
CA ARG A 160 21.05 4.00 -6.18
C ARG A 160 19.73 4.27 -5.43
N ALA A 161 19.32 5.53 -5.40
CA ALA A 161 18.06 5.88 -4.80
C ALA A 161 17.02 5.69 -5.89
N GLY A 162 15.90 5.10 -5.50
CA GLY A 162 14.88 4.73 -6.46
C GLY A 162 15.31 3.62 -7.41
N SER A 163 16.47 3.03 -7.13
CA SER A 163 17.02 2.00 -8.01
C SER A 163 16.24 0.69 -7.95
N GLY A 164 15.32 0.56 -6.98
CA GLY A 164 14.40 -0.57 -6.93
C GLY A 164 14.68 -1.72 -5.96
N LYS A 165 15.63 -1.52 -5.03
CA LYS A 165 16.03 -2.56 -4.08
C LYS A 165 14.95 -3.16 -3.18
N SER A 166 14.18 -2.29 -2.53
CA SER A 166 13.25 -2.76 -1.50
C SER A 166 12.18 -3.62 -2.13
N VAL A 167 11.77 -3.21 -3.32
CA VAL A 167 10.74 -3.91 -4.06
C VAL A 167 11.23 -5.33 -4.40
N ILE A 168 12.48 -5.42 -4.85
CA ILE A 168 13.14 -6.70 -5.11
C ILE A 168 13.22 -7.59 -3.86
N ALA A 169 13.35 -6.99 -2.69
CA ALA A 169 13.42 -7.77 -1.46
C ALA A 169 12.02 -8.26 -1.12
N SER A 170 11.05 -7.45 -1.52
CA SER A 170 9.64 -7.76 -1.30
C SER A 170 9.27 -8.98 -2.12
N GLN A 171 9.88 -9.07 -3.29
CA GLN A 171 9.59 -10.11 -4.28
C GLN A 171 10.37 -11.37 -3.96
N ALA A 172 11.60 -11.19 -3.51
CA ALA A 172 12.49 -12.29 -3.15
C ALA A 172 11.97 -13.07 -1.94
N LEU A 173 11.20 -12.41 -1.08
CA LEU A 173 10.56 -13.11 0.04
C LEU A 173 9.12 -13.50 -0.27
N SER A 174 8.73 -13.34 -1.52
CA SER A 174 7.36 -13.59 -1.93
C SER A 174 7.27 -14.57 -3.10
N LYS A 175 8.39 -14.75 -3.80
CA LYS A 175 8.46 -15.70 -4.89
C LYS A 175 8.46 -17.13 -4.38
N SER A 176 9.63 -17.61 -3.92
CA SER A 176 9.74 -18.96 -3.38
C SER A 176 8.72 -19.29 -2.30
N ASP A 177 8.65 -20.57 -1.91
CA ASP A 177 7.90 -20.96 -0.73
C ASP A 177 8.90 -21.53 0.29
N GLN A 178 10.17 -21.53 -0.11
CA GLN A 178 11.28 -22.12 0.65
C GLN A 178 11.85 -21.23 1.74
N LEU A 179 12.19 -20.00 1.37
CA LEU A 179 12.85 -19.04 2.27
C LEU A 179 12.16 -18.91 3.62
N ILE A 180 10.83 -18.84 3.62
CA ILE A 180 10.07 -18.81 4.87
C ILE A 180 9.34 -20.14 5.10
N GLY A 181 9.80 -20.91 6.08
CA GLY A 181 9.23 -22.21 6.38
C GLY A 181 10.27 -23.31 6.22
N ILE A 182 10.94 -23.30 5.07
CA ILE A 182 11.96 -24.28 4.75
C ILE A 182 13.33 -23.80 5.27
N ASN A 183 13.77 -22.62 4.85
CA ASN A 183 15.07 -22.10 5.28
C ASN A 183 15.07 -21.28 6.57
N TYR A 184 14.06 -20.43 6.71
CA TYR A 184 13.90 -19.64 7.93
C TYR A 184 12.47 -19.69 8.44
N ASP A 185 12.30 -19.75 9.76
CA ASP A 185 10.96 -19.89 10.32
C ASP A 185 10.15 -18.60 10.24
N SER A 186 10.73 -17.47 10.60
CA SER A 186 9.97 -16.22 10.56
C SER A 186 10.67 -15.05 9.87
N ILE A 187 9.88 -14.01 9.59
CA ILE A 187 10.35 -12.76 9.01
C ILE A 187 9.95 -11.54 9.85
N VAL A 188 10.91 -10.64 10.03
CA VAL A 188 10.67 -9.33 10.62
C VAL A 188 11.23 -8.30 9.65
N TRP A 189 10.37 -7.53 9.00
CA TRP A 189 10.84 -6.58 8.01
C TRP A 189 10.51 -5.19 8.53
N LEU A 190 11.56 -4.41 8.81
CA LEU A 190 11.45 -3.10 9.42
C LEU A 190 12.17 -2.06 8.58
N LYS A 191 11.52 -0.95 8.28
CA LYS A 191 12.20 0.12 7.57
C LYS A 191 12.89 1.05 8.55
N ASP A 192 14.17 1.33 8.29
CA ASP A 192 14.99 2.13 9.18
C ASP A 192 14.83 3.60 8.84
N SER A 193 15.72 4.10 7.98
CA SER A 193 15.69 5.49 7.53
C SER A 193 16.06 6.42 8.69
N GLY A 194 16.81 5.87 9.65
CA GLY A 194 17.19 6.58 10.85
C GLY A 194 18.36 7.54 10.65
N THR A 195 18.20 8.75 11.17
CA THR A 195 19.18 9.84 11.00
C THR A 195 19.65 10.35 12.35
N ALA A 196 18.72 10.50 13.29
CA ALA A 196 19.07 10.87 14.66
C ALA A 196 19.94 9.78 15.28
N PRO A 197 20.59 10.07 16.42
CA PRO A 197 21.37 9.01 17.08
C PRO A 197 20.44 8.16 17.95
N LYS A 198 19.27 8.72 18.25
CA LYS A 198 18.24 7.99 18.99
C LYS A 198 17.46 7.04 18.08
N SER A 199 17.64 7.20 16.77
CA SER A 199 16.86 6.44 15.81
C SER A 199 17.26 4.97 15.85
N THR A 200 18.57 4.75 16.03
CA THR A 200 19.13 3.40 16.00
C THR A 200 18.70 2.61 17.23
N PHE A 201 18.24 3.29 18.26
CA PHE A 201 17.72 2.58 19.44
C PHE A 201 16.22 2.37 19.29
N ASP A 202 15.53 3.38 18.78
CA ASP A 202 14.08 3.30 18.63
C ASP A 202 13.73 2.18 17.67
N LEU A 203 14.62 1.97 16.69
CA LEU A 203 14.38 0.92 15.72
C LEU A 203 14.29 -0.37 16.49
N PHE A 204 15.34 -0.71 17.22
CA PHE A 204 15.40 -1.97 17.93
C PHE A 204 14.42 -2.05 19.09
N THR A 205 13.82 -0.92 19.44
CA THR A 205 12.70 -0.91 20.36
C THR A 205 11.54 -1.52 19.62
N ASP A 206 11.49 -1.25 18.31
CA ASP A 206 10.34 -1.72 17.57
C ASP A 206 10.67 -3.09 16.99
N ILE A 207 11.95 -3.48 16.99
CA ILE A 207 12.25 -4.88 16.77
C ILE A 207 11.72 -5.64 17.97
N LEU A 208 12.38 -5.48 19.12
CA LEU A 208 11.88 -5.96 20.41
C LEU A 208 10.34 -6.06 20.51
N LEU A 209 9.63 -5.08 19.93
CA LEU A 209 8.17 -5.13 19.93
C LEU A 209 7.54 -5.90 18.75
N MSE A 210 8.25 -5.96 17.62
CA MSE A 210 7.91 -6.85 16.50
C MSE A 210 7.98 -8.30 16.91
O MSE A 210 7.31 -9.17 16.35
CB MSE A 210 8.82 -6.62 15.30
CG MSE A 210 8.40 -5.48 14.38
SE MSE A 210 6.57 -5.66 13.75
CE MSE A 210 6.61 -7.54 13.24
N LEU A 211 8.81 -8.56 17.91
CA LEU A 211 9.03 -9.89 18.45
C LEU A 211 7.94 -10.24 19.45
N LYS A 212 7.65 -9.33 20.37
CA LYS A 212 6.74 -9.63 21.47
C LYS A 212 5.36 -10.12 21.02
N SER A 213 4.85 -11.09 21.77
CA SER A 213 3.59 -11.79 21.54
C SER A 213 2.42 -10.80 21.50
N GLU A 214 1.31 -11.15 20.87
CA GLU A 214 0.15 -10.25 20.90
C GLU A 214 -0.23 -10.05 22.37
N ASP A 215 -0.13 -11.12 23.15
CA ASP A 215 -0.17 -10.95 24.59
C ASP A 215 1.11 -10.22 24.93
N ASP A 216 1.03 -9.40 25.95
CA ASP A 216 2.12 -8.55 26.43
C ASP A 216 2.51 -7.65 25.26
N LEU A 217 1.50 -7.08 24.59
CA LEU A 217 1.63 -5.84 23.85
C LEU A 217 0.90 -4.81 24.68
N LEU A 218 0.05 -5.34 25.55
CA LEU A 218 -0.65 -4.60 26.60
C LEU A 218 0.31 -4.09 27.66
N ASN A 219 1.15 -5.01 28.11
CA ASN A 219 2.18 -4.78 29.12
C ASN A 219 3.40 -3.90 28.84
N PHE A 220 3.62 -3.48 27.59
CA PHE A 220 4.74 -2.60 27.24
C PHE A 220 4.94 -1.57 28.36
N PRO A 221 6.14 -1.60 28.99
CA PRO A 221 6.62 -0.70 30.05
C PRO A 221 7.12 0.63 29.52
N SER A 222 7.54 1.53 30.40
CA SER A 222 8.21 2.73 29.91
C SER A 222 9.59 2.39 29.36
N VAL A 223 9.62 1.45 28.43
CA VAL A 223 10.87 1.05 27.80
C VAL A 223 11.56 2.14 26.99
N GLU A 224 10.82 3.14 26.54
CA GLU A 224 11.37 4.35 25.91
C GLU A 224 12.60 4.88 26.66
N HIS A 225 12.57 4.73 27.98
CA HIS A 225 13.66 5.11 28.85
C HIS A 225 14.15 3.87 29.57
N VAL A 226 15.24 3.31 29.06
CA VAL A 226 15.81 2.07 29.53
C VAL A 226 17.09 1.93 28.73
N THR A 227 18.17 1.49 29.39
CA THR A 227 19.48 1.52 28.75
C THR A 227 19.56 0.72 27.46
N SER A 228 20.62 0.96 26.69
CA SER A 228 20.83 0.19 25.46
C SER A 228 21.16 -1.27 25.76
N VAL A 229 21.96 -1.48 26.81
CA VAL A 229 22.36 -2.81 27.27
C VAL A 229 21.15 -3.68 27.66
N VAL A 230 20.09 -2.99 28.08
CA VAL A 230 18.90 -3.65 28.56
C VAL A 230 17.97 -3.93 27.40
N LEU A 231 17.75 -2.98 26.51
CA LEU A 231 17.01 -3.30 25.28
C LEU A 231 17.65 -4.47 24.53
N LYS A 232 18.98 -4.48 24.48
CA LYS A 232 19.74 -5.53 23.80
C LYS A 232 19.54 -6.86 24.50
N ARG A 233 19.68 -6.85 25.82
CA ARG A 233 19.50 -8.07 26.57
C ARG A 233 18.05 -8.56 26.50
N MSE A 234 17.08 -7.66 26.63
CA MSE A 234 15.66 -7.97 26.49
C MSE A 234 15.33 -8.61 25.14
O MSE A 234 14.47 -9.50 25.04
CB MSE A 234 14.82 -6.71 26.66
CG MSE A 234 14.23 -6.50 28.02
SE MSE A 234 13.23 -4.81 28.08
CE MSE A 234 12.57 -4.87 29.91
N ILE A 235 16.05 -8.19 24.12
CA ILE A 235 15.84 -8.75 22.81
C ILE A 235 16.43 -10.14 22.74
N CYS A 236 17.72 -10.29 23.04
CA CYS A 236 18.33 -11.62 22.91
C CYS A 236 17.64 -12.60 23.87
N ASN A 237 16.95 -12.06 24.87
CA ASN A 237 16.02 -12.85 25.69
C ASN A 237 14.88 -13.31 24.82
N ALA A 238 13.92 -12.41 24.60
CA ALA A 238 12.76 -12.70 23.76
C ALA A 238 13.07 -13.29 22.37
N LEU A 239 14.36 -13.47 22.04
CA LEU A 239 14.78 -14.00 20.75
C LEU A 239 14.94 -15.51 20.77
N ILE A 240 14.81 -16.12 21.94
CA ILE A 240 14.89 -17.57 22.05
C ILE A 240 13.70 -18.16 21.29
N ASP A 241 12.50 -17.66 21.55
CA ASP A 241 11.27 -18.18 20.94
C ASP A 241 11.28 -17.97 19.42
N ARG A 242 12.39 -17.46 18.90
CA ARG A 242 12.51 -17.19 17.47
C ARG A 242 13.72 -17.87 16.84
N PRO A 243 13.54 -19.14 16.43
CA PRO A 243 14.48 -19.95 15.65
C PRO A 243 14.59 -19.35 14.28
N ASN A 244 15.73 -19.50 13.59
CA ASN A 244 15.95 -18.89 12.27
C ASN A 244 14.98 -17.76 11.94
N THR A 245 15.31 -16.57 12.40
CA THR A 245 14.45 -15.44 12.14
C THR A 245 15.22 -14.53 11.22
N LEU A 246 14.57 -14.17 10.13
CA LEU A 246 15.16 -13.27 9.17
C LEU A 246 14.79 -11.83 9.45
N PHE A 247 15.76 -10.96 9.25
CA PHE A 247 15.56 -9.55 9.47
C PHE A 247 15.78 -8.78 8.18
N VAL A 248 14.73 -8.15 7.67
CA VAL A 248 14.92 -7.20 6.60
C VAL A 248 15.02 -5.84 7.23
N PHE A 249 16.09 -5.13 6.92
CA PHE A 249 16.28 -3.79 7.44
C PHE A 249 16.18 -2.83 6.29
N ASP A 250 14.96 -2.49 5.87
CA ASP A 250 14.83 -1.70 4.67
C ASP A 250 15.31 -0.26 4.86
N ASP A 251 16.32 0.11 4.05
CA ASP A 251 16.88 1.48 3.92
C ASP A 251 17.69 1.86 5.15
N VAL A 252 18.79 1.16 5.41
CA VAL A 252 19.65 1.55 6.51
C VAL A 252 20.62 2.62 6.03
N VAL A 253 20.73 3.70 6.80
CA VAL A 253 21.73 4.73 6.58
C VAL A 253 22.83 4.78 7.63
N GLN A 254 22.49 4.57 8.90
CA GLN A 254 23.49 4.63 9.96
C GLN A 254 24.13 3.27 10.27
N GLU A 255 25.46 3.26 10.25
CA GLU A 255 26.25 2.07 10.60
C GLU A 255 26.11 1.63 12.06
N GLU A 256 25.32 2.39 12.82
CA GLU A 256 25.08 2.02 14.21
C GLU A 256 24.08 0.88 14.22
N THR A 257 23.05 0.97 13.38
CA THR A 257 22.21 -0.16 13.02
C THR A 257 23.08 -1.42 12.82
N ILE A 258 23.84 -1.48 11.71
CA ILE A 258 24.74 -2.62 11.44
C ILE A 258 25.56 -3.10 12.64
N ARG A 259 26.03 -2.18 13.49
CA ARG A 259 26.74 -2.61 14.68
C ARG A 259 25.83 -3.31 15.68
N TRP A 260 24.61 -2.81 15.88
CA TRP A 260 23.69 -3.50 16.78
C TRP A 260 23.31 -4.86 16.22
N ALA A 261 22.90 -4.88 14.95
CA ALA A 261 22.59 -6.12 14.24
C ALA A 261 23.70 -7.16 14.36
N GLN A 262 24.95 -6.71 14.44
CA GLN A 262 26.07 -7.66 14.49
C GLN A 262 26.48 -7.99 15.93
N GLU A 263 26.06 -7.17 16.87
CA GLU A 263 26.26 -7.47 18.30
C GLU A 263 25.16 -8.43 18.70
N LEU A 264 24.04 -8.32 18.00
CA LEU A 264 22.86 -9.11 18.32
C LEU A 264 22.87 -10.42 17.50
N ARG A 265 23.99 -10.69 16.84
CA ARG A 265 24.17 -11.91 16.07
C ARG A 265 22.92 -12.28 15.26
N LEU A 266 22.43 -11.27 14.55
CA LEU A 266 21.21 -11.35 13.76
C LEU A 266 21.42 -11.83 12.34
N ARG A 267 20.34 -12.30 11.72
CA ARG A 267 20.35 -12.67 10.31
C ARG A 267 19.67 -11.53 9.57
N CYS A 268 20.45 -10.81 8.77
CA CYS A 268 19.96 -9.56 8.20
C CYS A 268 19.99 -9.44 6.69
N LEU A 269 18.84 -9.12 6.12
CA LEU A 269 18.80 -8.52 4.80
C LEU A 269 18.90 -7.03 5.06
N VAL A 270 19.62 -6.30 4.20
CA VAL A 270 19.81 -4.87 4.39
C VAL A 270 19.70 -4.21 3.03
N THR A 271 18.66 -3.40 2.83
CA THR A 271 18.63 -2.52 1.67
C THR A 271 19.20 -1.21 2.11
N THR A 272 20.09 -0.64 1.30
CA THR A 272 20.73 0.63 1.64
C THR A 272 21.22 1.33 0.39
N ARG A 273 21.55 2.60 0.52
CA ARG A 273 22.12 3.34 -0.61
C ARG A 273 23.62 3.52 -0.41
N ASP A 274 24.01 3.83 0.83
CA ASP A 274 25.43 3.95 1.15
C ASP A 274 25.95 2.56 1.47
N VAL A 275 26.90 2.09 0.67
CA VAL A 275 27.38 0.71 0.75
C VAL A 275 28.42 0.46 1.84
N GLU A 276 29.13 1.53 2.21
CA GLU A 276 30.27 1.40 3.12
C GLU A 276 29.93 1.09 4.58
N ILE A 277 28.65 1.15 4.94
CA ILE A 277 28.23 0.84 6.31
C ILE A 277 28.59 -0.59 6.72
N SER A 278 28.98 -1.39 5.74
CA SER A 278 29.30 -2.80 5.95
C SER A 278 30.68 -2.91 6.56
N ASN A 279 31.46 -1.84 6.41
CA ASN A 279 32.76 -1.77 7.06
C ASN A 279 32.59 -1.81 8.58
N ALA A 280 31.39 -1.47 9.06
CA ALA A 280 31.07 -1.60 10.48
C ALA A 280 31.14 -3.06 10.95
N ALA A 281 30.80 -3.98 10.06
CA ALA A 281 30.77 -5.41 10.40
C ALA A 281 32.05 -6.19 10.10
N SER A 282 32.57 -6.82 11.15
CA SER A 282 33.65 -7.78 11.01
C SER A 282 33.07 -9.19 10.89
N GLN A 283 32.71 -9.61 9.68
CA GLN A 283 31.85 -10.77 9.54
C GLN A 283 31.65 -11.22 8.08
N THR A 284 30.88 -12.31 7.95
CA THR A 284 30.37 -12.82 6.68
C THR A 284 29.58 -11.67 6.08
N CYS A 285 30.18 -10.93 5.17
CA CYS A 285 29.41 -9.93 4.46
C CYS A 285 29.36 -10.26 2.99
N GLU A 286 28.13 -10.31 2.47
CA GLU A 286 27.89 -10.66 1.09
C GLU A 286 27.01 -9.57 0.53
N PHE A 287 27.17 -9.30 -0.76
CA PHE A 287 26.60 -8.11 -1.35
C PHE A 287 25.87 -8.40 -2.65
N ILE A 288 24.80 -7.67 -2.91
CA ILE A 288 24.10 -7.75 -4.18
C ILE A 288 23.73 -6.33 -4.61
N GLU A 289 24.32 -5.89 -5.72
CA GLU A 289 24.14 -4.51 -6.14
C GLU A 289 23.02 -4.34 -7.16
N VAL A 290 22.07 -3.45 -6.89
CA VAL A 290 20.98 -3.20 -7.84
C VAL A 290 21.46 -2.12 -8.82
N THR A 291 21.94 -2.52 -9.98
CA THR A 291 22.45 -1.56 -10.95
C THR A 291 21.34 -0.76 -11.61
N SER A 292 21.73 0.26 -12.37
CA SER A 292 20.77 1.00 -13.16
C SER A 292 20.20 0.08 -14.24
N LEU A 293 18.90 0.17 -14.48
CA LEU A 293 18.25 -0.62 -15.52
C LEU A 293 18.83 -0.53 -16.94
N GLU A 294 19.40 -1.65 -17.42
CA GLU A 294 19.91 -1.78 -18.78
C GLU A 294 18.88 -1.37 -19.84
N ILE A 295 19.33 -1.03 -21.04
CA ILE A 295 18.43 -0.46 -22.05
C ILE A 295 17.25 -1.35 -22.47
N ASP A 296 17.47 -2.66 -22.52
CA ASP A 296 16.45 -3.66 -22.91
C ASP A 296 15.40 -3.95 -21.82
N GLU A 297 15.88 -3.98 -20.58
CA GLU A 297 15.00 -4.21 -19.44
C GLU A 297 13.98 -3.08 -19.34
N CYS A 298 14.35 -1.89 -19.82
CA CYS A 298 13.44 -0.76 -19.74
C CYS A 298 12.26 -1.05 -20.68
N TYR A 299 12.58 -1.61 -21.85
CA TYR A 299 11.56 -2.00 -22.82
C TYR A 299 10.63 -2.98 -22.12
N ASP A 300 11.22 -4.01 -21.53
CA ASP A 300 10.46 -5.05 -20.84
C ASP A 300 9.50 -4.42 -19.83
N PHE A 301 10.03 -3.46 -19.05
CA PHE A 301 9.26 -2.74 -18.03
C PHE A 301 8.09 -1.95 -18.58
N LEU A 302 8.26 -1.40 -19.78
CA LEU A 302 7.23 -0.58 -20.44
C LEU A 302 6.11 -1.48 -20.97
N GLU A 303 6.51 -2.47 -21.77
CA GLU A 303 5.61 -3.50 -22.26
C GLU A 303 4.79 -4.09 -21.10
N ALA A 304 5.48 -4.40 -20.01
CA ALA A 304 4.89 -4.98 -18.80
C ALA A 304 3.65 -4.24 -18.25
N TYR A 305 3.66 -2.91 -18.30
CA TYR A 305 2.51 -2.10 -17.85
C TYR A 305 1.68 -1.48 -18.98
N GLY A 306 1.86 -1.96 -20.21
CA GLY A 306 1.00 -1.55 -21.31
C GLY A 306 1.43 -0.40 -22.21
N MSE A 307 2.73 -0.17 -22.33
CA MSE A 307 3.20 0.96 -23.13
C MSE A 307 3.48 0.60 -24.58
O MSE A 307 4.25 -0.32 -24.87
CB MSE A 307 4.45 1.57 -22.50
CG MSE A 307 4.64 3.09 -22.73
SE MSE A 307 3.13 4.36 -22.65
CE MSE A 307 4.02 5.90 -23.46
N PRO A 308 2.86 1.35 -25.52
CA PRO A 308 2.91 1.12 -26.97
C PRO A 308 4.36 1.26 -27.44
N MSE A 309 4.81 0.26 -28.18
CA MSE A 309 6.17 0.17 -28.67
C MSE A 309 6.34 0.88 -30.01
O MSE A 309 5.41 0.92 -30.81
CB MSE A 309 6.57 -1.30 -28.82
CG MSE A 309 7.75 -1.75 -27.96
SE MSE A 309 7.27 -1.84 -26.08
CE MSE A 309 5.63 -2.88 -26.29
N PRO A 310 7.53 1.48 -30.24
CA PRO A 310 7.80 2.42 -31.33
C PRO A 310 7.57 1.80 -32.69
N VAL A 311 7.60 2.66 -33.70
CA VAL A 311 7.48 2.27 -35.09
C VAL A 311 8.42 3.21 -35.82
N GLY A 312 8.04 4.47 -35.98
CA GLY A 312 8.96 5.44 -36.55
C GLY A 312 10.28 5.41 -35.81
N GLU A 313 11.32 5.94 -36.45
CA GLU A 313 12.68 5.93 -35.91
C GLU A 313 12.76 6.97 -34.81
N LYS A 314 12.18 8.13 -35.08
CA LYS A 314 12.04 9.13 -34.05
C LYS A 314 10.82 8.85 -33.16
N GLU A 315 10.84 7.66 -32.55
CA GLU A 315 9.90 7.23 -31.52
C GLU A 315 10.67 6.26 -30.63
N GLU A 316 11.40 5.35 -31.28
CA GLU A 316 12.41 4.58 -30.59
C GLU A 316 13.48 5.53 -30.06
N ASP A 317 13.72 6.62 -30.78
CA ASP A 317 14.63 7.63 -30.28
C ASP A 317 14.02 8.40 -29.09
N VAL A 318 12.72 8.68 -29.14
CA VAL A 318 12.05 9.31 -28.00
C VAL A 318 12.18 8.48 -26.73
N LEU A 319 12.12 7.17 -26.92
CA LEU A 319 12.19 6.28 -25.78
C LEU A 319 13.63 6.03 -25.34
N ASN A 320 14.58 6.05 -26.28
CA ASN A 320 15.99 6.02 -25.89
C ASN A 320 16.39 7.33 -25.22
N LYS A 321 15.70 8.40 -25.55
CA LYS A 321 15.83 9.66 -24.83
C LYS A 321 15.38 9.50 -23.40
N THR A 322 14.21 8.91 -23.19
CA THR A 322 13.79 8.68 -21.80
C THR A 322 14.77 7.77 -21.05
N ILE A 323 15.18 6.68 -21.69
CA ILE A 323 16.08 5.72 -21.05
C ILE A 323 17.46 6.33 -20.78
N GLU A 324 17.88 7.23 -21.64
CA GLU A 324 19.12 7.95 -21.45
C GLU A 324 18.97 8.92 -20.30
N LEU A 325 17.88 9.69 -20.32
CA LEU A 325 17.58 10.68 -19.29
C LEU A 325 17.50 10.05 -17.91
N SER A 326 16.52 9.18 -17.71
CA SER A 326 16.37 8.45 -16.47
C SER A 326 17.39 7.34 -16.32
N SER A 327 18.64 7.62 -16.68
CA SER A 327 19.76 6.64 -16.72
C SER A 327 19.45 5.33 -16.00
N GLY A 328 18.53 4.57 -16.59
CA GLY A 328 18.05 3.32 -16.04
C GLY A 328 17.68 3.44 -14.58
N ASN A 329 16.53 4.01 -14.27
CA ASN A 329 16.14 4.15 -12.88
C ASN A 329 14.66 3.93 -12.65
N PRO A 330 14.31 2.75 -12.09
CA PRO A 330 12.95 2.28 -11.76
C PRO A 330 12.03 3.41 -11.33
N ALA A 331 12.35 4.07 -10.23
CA ALA A 331 11.50 5.11 -9.65
C ALA A 331 11.15 6.26 -10.59
N THR A 332 12.16 6.88 -11.22
CA THR A 332 11.86 7.98 -12.15
C THR A 332 11.22 7.51 -13.44
N LEU A 333 11.49 6.27 -13.83
CA LEU A 333 10.83 5.69 -14.97
C LEU A 333 9.34 5.53 -14.63
N MSE A 334 9.07 5.04 -13.43
CA MSE A 334 7.70 4.86 -12.99
C MSE A 334 6.95 6.17 -12.89
O MSE A 334 5.78 6.23 -13.30
CB MSE A 334 7.68 4.19 -11.62
CG MSE A 334 6.29 3.79 -11.15
SE MSE A 334 5.59 2.19 -12.02
CE MSE A 334 4.98 2.94 -13.71
N MSE A 335 7.59 7.20 -12.34
CA MSE A 335 6.95 8.50 -12.25
C MSE A 335 6.63 9.00 -13.64
O MSE A 335 5.56 9.57 -13.92
CB MSE A 335 7.91 9.53 -11.64
CG MSE A 335 8.13 9.54 -10.15
SE MSE A 335 9.90 10.32 -9.73
CE MSE A 335 9.80 12.02 -10.67
N PHE A 336 7.55 8.63 -14.54
CA PHE A 336 7.47 8.98 -15.94
C PHE A 336 6.22 8.34 -16.55
N PHE A 337 6.05 7.02 -16.41
CA PHE A 337 4.86 6.32 -16.94
C PHE A 337 3.61 6.95 -16.33
N LYS A 338 3.55 6.96 -15.01
CA LYS A 338 2.43 7.49 -14.22
C LYS A 338 2.02 8.90 -14.66
N SER A 339 2.92 9.58 -15.37
CA SER A 339 2.75 10.99 -15.74
C SER A 339 2.61 11.16 -17.25
N CYS A 340 2.56 10.04 -17.97
CA CYS A 340 2.40 10.06 -19.43
C CYS A 340 0.96 10.22 -19.96
N GLU A 341 0.04 10.56 -19.05
CA GLU A 341 -1.38 10.89 -19.36
C GLU A 341 -1.98 10.27 -20.66
N PRO A 342 -1.87 10.93 -21.85
CA PRO A 342 -2.64 10.38 -22.97
C PRO A 342 -2.16 9.02 -23.43
N LYS A 343 -0.91 8.68 -23.07
CA LYS A 343 -0.21 7.43 -23.40
C LYS A 343 0.59 7.58 -24.69
N THR A 344 0.31 8.65 -25.43
CA THR A 344 0.99 8.88 -26.70
C THR A 344 2.50 8.97 -26.51
N PHE A 345 3.25 8.44 -27.47
CA PHE A 345 4.70 8.72 -27.60
C PHE A 345 5.00 10.21 -27.64
N GLU A 346 4.04 10.96 -28.17
CA GLU A 346 4.12 12.41 -28.29
C GLU A 346 4.25 13.07 -26.91
N LYS A 347 3.25 12.92 -26.06
CA LYS A 347 3.28 13.50 -24.71
C LYS A 347 4.43 12.91 -23.87
N MSE A 348 4.96 11.78 -24.31
CA MSE A 348 6.12 11.15 -23.69
C MSE A 348 7.37 11.95 -24.07
O MSE A 348 8.29 12.13 -23.25
CB MSE A 348 6.23 9.69 -24.14
CG MSE A 348 6.70 8.73 -23.06
SE MSE A 348 8.61 8.40 -23.11
CE MSE A 348 8.76 7.49 -24.83
N ALA A 349 7.39 12.45 -25.30
CA ALA A 349 8.50 13.30 -25.72
C ALA A 349 8.34 14.69 -25.13
N GLN A 350 7.09 15.08 -24.92
CA GLN A 350 6.77 16.31 -24.23
C GLN A 350 7.48 16.28 -22.88
N LEU A 351 7.34 15.15 -22.17
CA LEU A 351 7.98 15.03 -20.87
C LEU A 351 9.49 15.03 -21.09
N ASN A 352 9.94 14.33 -22.13
CA ASN A 352 11.37 14.30 -22.44
C ASN A 352 11.94 15.71 -22.57
N ASN A 353 11.09 16.65 -23.00
CA ASN A 353 11.49 18.06 -23.05
C ASN A 353 11.49 18.62 -21.63
N LYS A 354 10.32 18.55 -21.00
CA LYS A 354 10.08 19.00 -19.62
C LYS A 354 11.16 18.63 -18.59
N LEU A 355 11.90 17.54 -18.82
CA LEU A 355 12.91 17.09 -17.87
C LEU A 355 14.19 17.93 -17.92
N GLU A 356 14.49 18.45 -19.10
CA GLU A 356 15.67 19.27 -19.28
C GLU A 356 15.41 20.72 -18.88
N SER A 357 14.18 21.17 -19.06
CA SER A 357 13.83 22.54 -18.72
C SER A 357 13.02 22.73 -17.43
N ARG A 358 13.06 21.75 -16.53
CA ARG A 358 12.39 21.88 -15.24
C ARG A 358 12.94 20.85 -14.24
N GLY A 359 13.94 20.09 -14.66
CA GLY A 359 14.53 19.06 -13.82
C GLY A 359 13.51 18.03 -13.40
N LEU A 360 13.78 17.32 -12.30
CA LEU A 360 12.89 16.27 -11.87
C LEU A 360 11.51 16.81 -11.53
N VAL A 361 11.40 18.13 -11.37
CA VAL A 361 10.14 18.71 -10.91
C VAL A 361 9.18 18.73 -12.10
N GLY A 362 9.67 18.34 -13.27
CA GLY A 362 8.84 18.39 -14.46
C GLY A 362 8.02 17.13 -14.60
N VAL A 363 8.45 16.08 -13.92
CA VAL A 363 7.83 14.77 -14.05
C VAL A 363 7.49 14.17 -12.69
N GLU A 364 7.74 14.95 -11.64
CA GLU A 364 7.36 14.55 -10.28
C GLU A 364 5.88 14.22 -10.17
N CYS A 365 5.64 13.04 -9.58
CA CYS A 365 4.32 12.43 -9.53
C CYS A 365 4.08 11.51 -8.34
N ILE A 366 2.80 11.22 -8.10
CA ILE A 366 2.40 10.17 -7.16
C ILE A 366 2.78 8.78 -7.68
N THR A 367 3.65 8.10 -6.94
CA THR A 367 4.18 6.81 -7.37
C THR A 367 4.24 5.89 -6.15
N PRO A 368 4.21 4.56 -6.35
CA PRO A 368 4.48 3.60 -5.27
C PRO A 368 5.68 3.95 -4.38
N TYR A 369 6.58 4.77 -4.91
CA TYR A 369 7.67 5.37 -4.14
C TYR A 369 7.10 6.34 -3.11
N SER A 370 7.67 6.36 -1.92
CA SER A 370 7.22 7.30 -0.89
C SER A 370 7.43 8.77 -1.32
N TYR A 371 8.16 8.98 -2.42
CA TYR A 371 8.65 10.30 -2.87
C TYR A 371 8.06 10.89 -4.17
N LYS A 372 7.71 12.17 -4.15
CA LYS A 372 7.26 12.88 -5.35
C LYS A 372 8.27 12.91 -6.48
N SER A 373 9.55 13.07 -6.15
CA SER A 373 10.58 13.06 -7.18
C SER A 373 11.88 12.53 -6.59
N LEU A 374 12.73 12.01 -7.46
CA LEU A 374 13.96 11.34 -7.07
C LEU A 374 14.88 12.31 -6.30
N ALA A 375 14.57 13.60 -6.39
CA ALA A 375 15.36 14.63 -5.74
C ALA A 375 15.16 14.65 -4.24
N MSE A 376 13.97 14.23 -3.80
CA MSE A 376 13.67 14.20 -2.37
C MSE A 376 14.53 13.08 -1.78
O MSE A 376 14.89 13.09 -0.59
CB MSE A 376 12.17 13.97 -2.13
CG MSE A 376 11.25 14.99 -2.82
SE MSE A 376 11.99 16.78 -3.01
CE MSE A 376 12.10 17.25 -1.11
N ALA A 377 14.84 12.11 -2.63
CA ALA A 377 15.58 10.94 -2.20
C ALA A 377 17.04 11.32 -2.15
N LEU A 378 17.54 11.87 -3.25
CA LEU A 378 18.94 12.20 -3.37
C LEU A 378 19.31 13.24 -2.31
N GLN A 379 18.32 14.06 -1.94
CA GLN A 379 18.43 14.99 -0.82
C GLN A 379 19.24 14.46 0.34
N ARG A 380 18.71 13.41 0.94
CA ARG A 380 19.31 12.84 2.13
C ARG A 380 20.71 12.39 1.83
N CYS A 381 20.82 11.67 0.72
CA CYS A 381 22.07 11.07 0.26
C CYS A 381 23.17 12.10 0.13
N VAL A 382 22.75 13.36 -0.04
CA VAL A 382 23.67 14.43 -0.33
C VAL A 382 23.99 15.17 0.98
N GLU A 383 23.03 15.16 1.89
CA GLU A 383 23.24 15.80 3.18
C GLU A 383 24.23 14.98 4.00
N VAL A 384 24.06 13.67 3.97
CA VAL A 384 24.90 12.76 4.74
C VAL A 384 26.36 12.80 4.36
N LEU A 385 26.65 13.30 3.16
CA LEU A 385 27.99 13.19 2.62
C LEU A 385 28.99 13.97 3.44
N SER A 386 30.16 13.37 3.66
CA SER A 386 31.29 14.07 4.26
C SER A 386 31.31 15.47 3.61
N ASP A 387 31.46 16.51 4.41
CA ASP A 387 31.44 17.89 3.91
C ASP A 387 32.29 18.17 2.64
N GLU A 388 33.46 17.55 2.58
CA GLU A 388 34.37 17.69 1.45
C GLU A 388 33.85 16.91 0.25
N ASP A 389 33.23 15.77 0.54
CA ASP A 389 32.64 14.95 -0.49
C ASP A 389 31.40 15.69 -0.99
N ARG A 390 30.76 16.42 -0.07
CA ARG A 390 29.61 17.24 -0.41
C ARG A 390 30.03 18.28 -1.42
N SER A 391 31.30 18.67 -1.32
CA SER A 391 31.86 19.68 -2.23
C SER A 391 32.13 19.09 -3.62
N ALA A 392 32.93 18.03 -3.65
CA ALA A 392 33.17 17.27 -4.89
C ALA A 392 31.89 17.01 -5.69
N LEU A 393 30.86 16.52 -4.99
CA LEU A 393 29.59 16.21 -5.63
C LEU A 393 29.02 17.51 -6.15
N ALA A 394 29.08 18.55 -5.33
CA ALA A 394 28.42 19.80 -5.69
C ALA A 394 28.99 20.30 -7.01
N PHE A 395 30.26 19.94 -7.28
CA PHE A 395 30.95 20.35 -8.52
C PHE A 395 30.85 19.46 -9.74
N ALA A 396 30.74 18.14 -9.57
CA ALA A 396 30.59 17.25 -10.73
C ALA A 396 29.42 17.59 -11.70
N VAL A 397 28.69 18.68 -11.45
CA VAL A 397 27.70 19.18 -12.41
C VAL A 397 28.33 19.53 -13.74
N VAL A 398 29.29 20.46 -13.69
CA VAL A 398 29.92 21.00 -14.88
C VAL A 398 30.70 19.97 -15.72
N MSE A 399 30.25 18.71 -15.69
CA MSE A 399 30.85 17.70 -16.54
C MSE A 399 29.98 17.38 -17.75
O MSE A 399 28.96 18.01 -17.99
CB MSE A 399 31.11 16.43 -15.70
CG MSE A 399 32.39 16.48 -14.89
SE MSE A 399 33.79 17.42 -15.88
CE MSE A 399 35.27 17.32 -14.63
N PRO A 400 30.43 16.40 -18.56
CA PRO A 400 29.50 15.84 -19.54
C PRO A 400 28.87 14.55 -19.01
N PRO A 401 27.54 14.45 -19.06
CA PRO A 401 26.95 13.23 -18.51
C PRO A 401 26.95 12.14 -19.57
N GLY A 402 27.04 10.90 -19.09
CA GLY A 402 27.01 9.74 -19.97
C GLY A 402 28.18 9.86 -20.91
N VAL A 403 29.33 10.23 -20.35
CA VAL A 403 30.57 10.33 -21.09
C VAL A 403 31.66 9.89 -20.11
N ASP A 404 32.52 8.96 -20.55
CA ASP A 404 33.62 8.46 -19.73
C ASP A 404 34.85 9.38 -19.81
N ILE A 405 35.30 9.95 -18.68
CA ILE A 405 36.32 11.00 -18.71
C ILE A 405 37.39 10.83 -17.62
N PRO A 406 38.66 11.13 -17.95
CA PRO A 406 39.85 10.93 -17.10
C PRO A 406 39.83 11.72 -15.79
N VAL A 407 40.69 11.31 -14.85
CA VAL A 407 40.76 11.90 -13.51
C VAL A 407 41.31 13.32 -13.49
N LYS A 408 42.37 13.56 -14.23
CA LYS A 408 42.99 14.88 -14.27
C LYS A 408 41.95 15.85 -14.82
N LEU A 409 41.26 15.46 -15.88
CA LEU A 409 40.14 16.23 -16.43
C LEU A 409 39.10 16.56 -15.34
N TRP A 410 39.18 15.87 -14.20
CA TRP A 410 38.29 16.13 -13.08
C TRP A 410 39.03 17.02 -12.08
N SER A 411 40.33 16.78 -11.94
CA SER A 411 41.17 17.56 -11.03
C SER A 411 41.04 19.06 -11.25
N CYS A 412 40.48 19.43 -12.41
CA CYS A 412 40.37 20.83 -12.82
C CYS A 412 39.26 21.58 -12.10
N VAL A 413 38.10 20.94 -11.97
CA VAL A 413 36.99 21.59 -11.30
C VAL A 413 36.95 21.26 -9.81
N ILE A 414 37.47 20.09 -9.44
CA ILE A 414 37.38 19.62 -8.07
C ILE A 414 38.40 20.28 -7.11
N PRO A 415 37.91 20.77 -5.95
CA PRO A 415 38.61 21.33 -4.78
C PRO A 415 39.57 20.36 -4.10
N VAL A 416 40.39 20.87 -3.18
CA VAL A 416 41.28 20.10 -2.28
C VAL A 416 42.00 21.10 -1.37
N ASP A 417 42.24 20.71 -0.12
CA ASP A 417 42.98 21.54 0.84
C ASP A 417 44.30 22.06 0.28
N GLU A 424 50.38 20.68 -4.36
CA GLU A 424 51.44 19.80 -4.85
C GLU A 424 51.10 19.27 -6.23
N GLN A 425 51.63 18.10 -6.58
CA GLN A 425 51.51 17.68 -7.98
C GLN A 425 50.79 16.36 -8.25
N LEU A 426 50.60 15.52 -7.24
CA LEU A 426 49.79 14.33 -7.48
C LEU A 426 48.35 14.45 -6.98
N ASP A 427 47.42 14.60 -7.92
CA ASP A 427 46.00 14.63 -7.58
C ASP A 427 45.38 13.26 -7.73
N ASP A 428 45.65 12.40 -6.77
CA ASP A 428 44.96 11.12 -6.68
C ASP A 428 43.80 11.26 -5.73
N GLU A 429 43.93 12.21 -4.81
CA GLU A 429 42.90 12.57 -3.85
C GLU A 429 41.54 12.74 -4.51
N VAL A 430 41.55 13.20 -5.76
CA VAL A 430 40.34 13.32 -6.55
C VAL A 430 39.70 11.96 -6.68
N ALA A 431 40.50 10.96 -7.05
CA ALA A 431 40.00 9.59 -7.17
C ALA A 431 39.44 9.07 -5.84
N ASP A 432 40.10 9.38 -4.72
CA ASP A 432 39.64 8.90 -3.42
C ASP A 432 38.25 9.42 -3.08
N ARG A 433 38.06 10.70 -3.40
CA ARG A 433 36.78 11.34 -3.17
C ARG A 433 35.71 10.81 -4.11
N LEU A 434 36.05 10.67 -5.40
CA LEU A 434 35.10 10.17 -6.40
C LEU A 434 34.70 8.72 -6.16
N LYS A 435 35.59 7.94 -5.55
CA LYS A 435 35.24 6.61 -5.09
C LYS A 435 34.28 6.67 -3.94
N ARG A 436 34.65 7.29 -2.81
CA ARG A 436 33.64 7.49 -1.75
C ARG A 436 32.29 7.96 -2.31
N LEU A 437 32.36 8.76 -3.35
CA LEU A 437 31.19 9.38 -3.96
C LEU A 437 30.29 8.43 -4.75
N SER A 438 30.89 7.49 -5.46
CA SER A 438 30.10 6.44 -6.09
C SER A 438 29.68 5.35 -5.11
N LYS A 439 30.57 4.96 -4.21
CA LYS A 439 30.25 4.03 -3.12
C LYS A 439 29.06 4.42 -2.22
N ARG A 440 28.76 5.71 -2.12
CA ARG A 440 27.85 6.26 -1.09
C ARG A 440 26.58 6.89 -1.64
N GLY A 441 25.82 6.14 -2.42
CA GLY A 441 24.56 6.66 -2.93
C GLY A 441 24.56 6.44 -4.42
N ALA A 442 25.66 5.87 -4.89
CA ALA A 442 25.89 5.56 -6.29
C ALA A 442 25.65 6.81 -7.11
N LEU A 443 26.48 7.79 -6.81
CA LEU A 443 26.35 9.10 -7.41
C LEU A 443 27.27 9.22 -8.63
N LEU A 444 28.43 8.57 -8.56
CA LEU A 444 29.35 8.54 -9.70
C LEU A 444 29.23 7.24 -10.51
N SER A 445 30.36 6.54 -10.64
CA SER A 445 30.57 5.44 -11.60
C SER A 445 32.05 5.19 -11.92
N GLY A 446 32.66 4.19 -11.29
CA GLY A 446 34.05 3.85 -11.53
C GLY A 446 34.31 2.80 -12.62
N LYS A 447 35.40 2.99 -13.36
CA LYS A 447 35.75 2.12 -14.49
C LYS A 447 37.28 2.09 -14.63
N ARG A 448 37.88 1.00 -14.13
CA ARG A 448 39.32 0.92 -13.85
C ARG A 448 40.26 1.19 -15.05
N MSE A 449 40.26 0.29 -16.04
CA MSE A 449 41.01 0.48 -17.30
C MSE A 449 40.06 0.66 -18.49
O MSE A 449 38.86 0.35 -18.37
CB MSE A 449 41.99 -0.67 -17.51
CG MSE A 449 41.39 -1.96 -18.03
SE MSE A 449 42.74 -3.32 -18.35
CE MSE A 449 43.34 -2.71 -20.11
N PRO A 450 40.54 1.14 -19.66
CA PRO A 450 41.88 1.46 -20.18
C PRO A 450 42.64 2.51 -19.38
N VAL A 451 41.94 3.55 -18.96
CA VAL A 451 42.53 4.58 -18.12
C VAL A 451 41.54 4.88 -17.01
N LEU A 452 42.06 5.18 -15.82
CA LEU A 452 41.24 5.49 -14.65
C LEU A 452 40.23 6.61 -14.94
N THR A 453 38.98 6.22 -15.10
CA THR A 453 37.93 7.14 -15.48
C THR A 453 36.64 6.89 -14.71
N PHE A 454 35.91 7.97 -14.46
CA PHE A 454 34.60 7.92 -13.84
C PHE A 454 33.61 8.44 -14.86
N LYS A 455 32.37 8.58 -14.43
CA LYS A 455 31.32 9.06 -15.31
C LYS A 455 30.16 9.46 -14.44
N ILE A 456 29.50 10.54 -14.85
CA ILE A 456 28.32 11.01 -14.17
C ILE A 456 27.18 10.65 -15.09
N ASP A 457 26.18 10.00 -14.51
CA ASP A 457 25.01 9.55 -15.23
C ASP A 457 24.08 10.73 -15.53
N HIS A 458 22.94 10.48 -16.17
CA HIS A 458 22.08 11.59 -16.52
C HIS A 458 21.10 12.11 -15.44
N ILE A 459 20.46 11.20 -14.69
CA ILE A 459 19.54 11.57 -13.60
C ILE A 459 20.23 12.33 -12.47
N ILE A 460 21.39 11.79 -12.10
CA ILE A 460 22.27 12.33 -11.08
C ILE A 460 22.83 13.68 -11.50
N HIS A 461 22.57 14.08 -12.74
CA HIS A 461 23.03 15.36 -13.20
C HIS A 461 21.86 16.33 -13.05
N MSE A 462 20.74 16.10 -13.75
CA MSE A 462 19.62 17.04 -13.66
C MSE A 462 19.08 17.18 -12.24
O MSE A 462 18.20 18.00 -11.98
CB MSE A 462 18.50 16.60 -14.58
CG MSE A 462 18.88 16.66 -16.02
SE MSE A 462 17.81 15.34 -16.94
CE MSE A 462 17.73 13.97 -15.54
N PHE A 463 19.60 16.34 -11.34
CA PHE A 463 19.38 16.56 -9.92
C PHE A 463 20.12 17.82 -9.57
N LEU A 464 21.45 17.77 -9.73
CA LEU A 464 22.34 18.89 -9.46
C LEU A 464 22.05 20.15 -10.24
N LYS A 465 21.75 20.05 -11.53
CA LYS A 465 21.29 21.20 -12.32
C LYS A 465 20.36 22.07 -11.49
N HIS A 466 19.08 21.70 -11.42
CA HIS A 466 18.13 22.53 -10.69
C HIS A 466 18.24 22.44 -9.15
N VAL A 467 19.45 22.31 -8.61
CA VAL A 467 19.58 22.10 -7.16
C VAL A 467 20.80 22.82 -6.52
N VAL A 468 21.93 22.86 -7.21
CA VAL A 468 23.09 23.62 -6.72
C VAL A 468 22.98 25.13 -6.95
N ASP A 469 23.74 25.87 -6.15
CA ASP A 469 23.78 27.32 -6.18
C ASP A 469 24.12 27.86 -7.58
N ALA A 470 23.22 28.69 -8.11
CA ALA A 470 23.33 29.25 -9.47
C ALA A 470 24.71 29.83 -9.86
N GLN A 471 25.46 30.30 -8.87
CA GLN A 471 26.83 30.82 -9.06
C GLN A 471 27.90 29.80 -9.40
N THR A 472 27.93 28.77 -8.57
CA THR A 472 28.95 27.73 -8.61
C THR A 472 29.07 27.01 -9.95
N ILE A 473 27.99 27.01 -10.72
CA ILE A 473 28.03 26.51 -12.08
C ILE A 473 28.97 27.34 -12.95
N ALA A 474 28.66 28.62 -13.09
CA ALA A 474 29.47 29.51 -13.92
C ALA A 474 30.92 29.60 -13.40
N ASN A 475 31.11 29.50 -12.09
CA ASN A 475 32.47 29.51 -11.53
C ASN A 475 33.24 28.25 -11.89
N GLY A 476 32.54 27.12 -11.96
CA GLY A 476 33.23 25.89 -12.30
C GLY A 476 33.54 25.87 -13.79
N ILE A 477 32.67 26.46 -14.59
CA ILE A 477 32.91 26.56 -16.02
C ILE A 477 34.13 27.41 -16.36
N SER A 478 34.25 28.60 -15.74
CA SER A 478 35.46 29.41 -15.97
C SER A 478 36.73 28.78 -15.39
N ILE A 479 36.64 28.32 -14.15
CA ILE A 479 37.73 27.60 -13.46
C ILE A 479 38.16 26.36 -14.27
N LEU A 480 37.30 25.93 -15.18
CA LEU A 480 37.64 24.81 -16.07
C LEU A 480 38.37 25.38 -17.29
N GLU A 481 37.78 26.38 -17.93
CA GLU A 481 38.37 27.01 -19.12
C GLU A 481 39.79 27.51 -18.88
N GLN A 482 40.19 27.65 -17.61
CA GLN A 482 41.58 28.03 -17.28
C GLN A 482 42.60 26.89 -17.61
N ARG A 483 42.49 25.75 -16.92
CA ARG A 483 43.39 24.61 -17.08
C ARG A 483 43.40 24.01 -18.49
N LEU A 484 42.44 24.50 -19.27
CA LEU A 484 42.06 24.07 -20.62
C LEU A 484 43.01 24.33 -21.79
N LEU A 485 44.34 24.32 -21.59
CA LEU A 485 45.24 24.79 -22.65
C LEU A 485 46.73 24.40 -22.54
N GLU A 486 47.22 24.18 -21.31
CA GLU A 486 48.60 24.39 -20.88
C GLU A 486 49.70 24.65 -21.92
N ILE A 487 50.30 23.55 -22.40
CA ILE A 487 51.35 23.60 -23.42
C ILE A 487 50.80 23.22 -24.78
N GLU A 521 32.19 8.86 -28.75
CA GLU A 521 32.19 7.47 -29.16
C GLU A 521 32.85 6.56 -28.14
N THR A 522 32.70 5.26 -28.35
CA THR A 522 33.26 4.19 -27.52
C THR A 522 34.80 4.23 -27.50
N VAL A 523 35.37 5.42 -27.65
CA VAL A 523 36.79 5.66 -27.56
C VAL A 523 36.99 6.80 -26.59
N ILE A 524 37.87 6.57 -25.62
CA ILE A 524 38.16 7.60 -24.66
C ILE A 524 38.95 8.70 -25.34
N ARG A 525 38.79 9.91 -24.82
CA ARG A 525 39.45 11.07 -25.37
C ARG A 525 40.89 11.00 -24.96
N PRO A 526 41.78 10.99 -25.95
CA PRO A 526 43.23 10.83 -25.78
C PRO A 526 43.87 12.07 -25.18
N GLU A 527 45.06 11.84 -24.63
CA GLU A 527 45.84 12.84 -23.94
C GLU A 527 46.50 13.80 -24.92
N ASP A 528 46.34 13.51 -26.21
CA ASP A 528 46.83 14.41 -27.24
C ASP A 528 45.76 15.49 -27.44
N PHE A 529 44.54 15.18 -26.98
CA PHE A 529 43.37 16.03 -27.19
C PHE A 529 42.59 16.51 -25.94
N PRO A 530 43.22 16.62 -24.75
CA PRO A 530 42.38 17.15 -23.67
C PRO A 530 42.22 18.67 -23.69
N LYS A 531 43.23 19.39 -24.16
CA LYS A 531 43.19 20.86 -24.19
C LYS A 531 41.90 21.39 -24.79
N PHE A 532 41.26 20.60 -25.65
CA PHE A 532 39.97 20.98 -26.20
C PHE A 532 38.83 20.03 -25.84
N MSE A 533 38.19 20.33 -24.72
CA MSE A 533 36.91 19.75 -24.32
C MSE A 533 35.78 20.20 -25.24
O MSE A 533 34.62 19.91 -24.99
CB MSE A 533 36.57 20.19 -22.91
CG MSE A 533 36.71 21.70 -22.78
SE MSE A 533 35.16 22.78 -22.26
CE MSE A 533 34.24 22.92 -23.99
N GLN A 534 36.14 20.88 -26.33
CA GLN A 534 35.16 21.49 -27.21
C GLN A 534 34.33 20.44 -27.92
N LEU A 535 34.79 19.20 -27.84
CA LEU A 535 34.07 18.06 -28.38
C LEU A 535 32.67 18.04 -27.73
N HIS A 536 32.63 18.33 -26.42
CA HIS A 536 31.41 18.36 -25.60
C HIS A 536 30.76 19.74 -25.46
N GLN A 537 31.00 20.64 -26.43
CA GLN A 537 30.38 21.96 -26.44
C GLN A 537 28.84 22.00 -26.26
N LYS A 538 28.12 21.05 -26.84
CA LYS A 538 26.65 21.00 -26.73
C LYS A 538 26.17 21.08 -25.26
N PHE A 539 26.59 20.11 -24.44
CA PHE A 539 26.15 20.04 -23.04
C PHE A 539 26.87 21.08 -22.22
N TYR A 540 27.43 22.08 -22.87
CA TYR A 540 28.13 23.12 -22.15
C TYR A 540 27.42 24.38 -22.62
N ASP A 541 26.93 24.33 -23.85
CA ASP A 541 26.20 25.44 -24.43
C ASP A 541 24.89 25.50 -23.65
N SER A 542 24.52 24.33 -23.12
CA SER A 542 23.29 24.21 -22.36
C SER A 542 23.39 24.77 -20.94
N LEU A 543 24.50 24.50 -20.24
CA LEU A 543 24.72 25.12 -18.94
C LEU A 543 24.97 26.63 -19.06
N LYS A 544 25.68 27.06 -20.09
CA LYS A 544 25.95 28.48 -20.20
C LYS A 544 24.68 29.24 -20.53
N ASN A 545 23.82 28.62 -21.34
CA ASN A 545 22.49 29.20 -21.54
C ASN A 545 21.70 29.19 -20.23
N PHE A 546 21.87 28.12 -19.47
CA PHE A 546 21.21 27.91 -18.20
C PHE A 546 21.58 28.98 -17.17
N ALA A 547 22.81 29.47 -17.25
CA ALA A 547 23.37 30.34 -16.23
C ALA A 547 23.30 31.85 -16.56
N CYS A 548 22.71 32.18 -17.71
CA CYS A 548 22.42 33.57 -18.05
C CYS A 548 20.93 33.85 -17.82
N CYS A 549 20.34 33.09 -16.91
CA CYS A 549 18.91 33.17 -16.61
C CYS A 549 18.65 33.33 -15.11
N PRO B 1 24.28 30.59 0.08
CA PRO B 1 23.92 29.26 -0.47
C PRO B 1 25.12 28.44 -0.99
N LEU B 2 24.99 27.09 -0.94
CA LEU B 2 25.87 26.09 -1.55
C LEU B 2 25.15 24.79 -2.03
N PHE B 3 23.81 24.86 -2.05
CA PHE B 3 22.87 23.75 -2.26
C PHE B 3 21.50 24.32 -1.95
N ASN B 4 20.59 24.31 -2.92
CA ASN B 4 19.24 24.86 -2.71
C ASN B 4 18.49 24.15 -1.60
N PHE B 5 18.97 24.40 -0.37
CA PHE B 5 18.49 23.74 0.85
C PHE B 5 18.71 22.23 0.75
N MSE B 6 19.88 21.86 0.20
CA MSE B 6 20.37 20.49 0.03
C MSE B 6 19.61 19.65 -1.04
O MSE B 6 19.94 18.50 -1.30
CB MSE B 6 20.35 19.75 1.37
CG MSE B 6 21.25 20.40 2.43
SE MSE B 6 23.15 20.43 1.95
CE MSE B 6 23.53 22.35 2.16
N GLY B 7 18.59 20.25 -1.64
CA GLY B 7 17.78 19.56 -2.62
C GLY B 7 16.27 19.69 -2.42
N MSE C 1 -6.78 -34.91 15.65
CA MSE C 1 -7.92 -34.00 15.63
C MSE C 1 -8.91 -34.41 14.56
O MSE C 1 -8.56 -35.12 13.61
CB MSE C 1 -7.45 -32.55 15.41
CG MSE C 1 -8.47 -31.51 15.82
SE MSE C 1 -9.03 -30.39 14.34
CE MSE C 1 -10.66 -29.68 15.13
N LEU C 2 -10.16 -33.99 14.71
CA LEU C 2 -11.20 -34.26 13.72
C LEU C 2 -11.15 -33.35 12.48
N CYS C 3 -12.20 -32.55 12.32
CA CYS C 3 -12.32 -31.53 11.27
C CYS C 3 -13.72 -30.92 11.32
N GLU C 4 -14.08 -30.06 10.35
CA GLU C 4 -15.40 -29.42 10.39
C GLU C 4 -16.64 -30.33 10.24
N ILE C 5 -16.56 -31.33 9.38
CA ILE C 5 -17.67 -32.27 9.19
C ILE C 5 -17.92 -33.15 10.42
N GLU C 6 -16.86 -33.82 10.88
CA GLU C 6 -16.89 -34.77 12.00
C GLU C 6 -17.16 -34.10 13.36
N CYS C 7 -16.80 -32.83 13.47
CA CYS C 7 -17.04 -32.09 14.69
C CYS C 7 -18.44 -31.54 14.55
N ARG C 8 -18.87 -31.34 13.30
CA ARG C 8 -20.25 -30.97 13.06
C ARG C 8 -21.13 -32.15 13.41
N ALA C 9 -20.61 -33.37 13.28
CA ALA C 9 -21.37 -34.55 13.66
C ALA C 9 -21.46 -34.72 15.16
N LEU C 10 -20.32 -34.58 15.85
CA LEU C 10 -20.31 -34.65 17.32
C LEU C 10 -21.09 -33.52 17.98
N SER C 11 -21.27 -32.43 17.25
CA SER C 11 -22.00 -31.26 17.75
C SER C 11 -23.49 -31.39 17.44
N THR C 12 -23.78 -31.82 16.22
CA THR C 12 -25.13 -32.05 15.73
C THR C 12 -25.89 -33.12 16.53
N ALA C 13 -25.23 -34.24 16.79
CA ALA C 13 -25.82 -35.32 17.60
C ALA C 13 -25.73 -35.20 19.13
N HIS C 14 -26.01 -34.02 19.69
CA HIS C 14 -25.90 -33.86 21.15
C HIS C 14 -27.22 -34.04 21.89
N THR C 15 -28.31 -33.56 21.29
CA THR C 15 -29.64 -33.79 21.84
C THR C 15 -29.81 -35.29 22.03
N ARG C 16 -29.13 -36.03 21.15
CA ARG C 16 -29.16 -37.48 21.11
C ARG C 16 -28.14 -38.09 22.07
N LEU C 17 -26.90 -37.63 22.01
CA LEU C 17 -25.87 -38.17 22.90
C LEU C 17 -26.10 -37.91 24.39
N ILE C 18 -27.15 -37.16 24.72
CA ILE C 18 -27.52 -36.95 26.13
C ILE C 18 -28.59 -37.93 26.64
N HIS C 19 -29.52 -38.34 25.77
CA HIS C 19 -30.62 -39.21 26.18
C HIS C 19 -30.14 -40.63 26.47
N ASP C 20 -29.11 -41.08 25.76
CA ASP C 20 -28.64 -42.44 25.99
C ASP C 20 -27.18 -42.69 25.67
N PHE C 21 -26.38 -42.74 26.75
CA PHE C 21 -24.94 -42.94 26.65
C PHE C 21 -24.27 -42.86 28.04
N GLU C 22 -23.02 -43.32 28.08
CA GLU C 22 -22.18 -43.29 29.25
C GLU C 22 -20.78 -43.60 28.75
N PRO C 23 -19.83 -42.67 28.98
CA PRO C 23 -18.43 -42.75 28.56
C PRO C 23 -17.57 -43.81 29.25
N ARG C 24 -17.96 -44.21 30.44
CA ARG C 24 -17.25 -45.24 31.16
C ARG C 24 -17.34 -46.55 30.39
N ASP C 25 -18.49 -46.74 29.73
CA ASP C 25 -18.75 -47.94 28.95
C ASP C 25 -17.71 -48.01 27.85
N ALA C 26 -17.26 -46.84 27.42
CA ALA C 26 -16.35 -46.75 26.29
C ALA C 26 -14.91 -46.59 26.72
N LEU C 27 -14.67 -46.26 27.99
CA LEU C 27 -13.30 -45.93 28.41
C LEU C 27 -12.31 -47.06 28.22
N THR C 28 -12.69 -48.27 28.58
CA THR C 28 -11.82 -49.41 28.42
C THR C 28 -11.59 -49.65 26.94
N TYR C 29 -12.65 -49.50 26.16
CA TYR C 29 -12.59 -49.71 24.73
C TYR C 29 -11.74 -48.66 24.04
N LEU C 30 -11.54 -47.53 24.70
CA LEU C 30 -10.71 -46.55 24.04
C LEU C 30 -9.35 -46.63 24.72
N GLU C 31 -9.34 -46.98 26.01
CA GLU C 31 -8.05 -47.28 26.61
C GLU C 31 -7.43 -48.43 25.83
N GLY C 32 -8.28 -49.22 25.19
CA GLY C 32 -7.85 -50.40 24.46
C GLY C 32 -7.37 -50.23 23.03
N LYS C 33 -8.25 -49.74 22.15
CA LYS C 33 -7.88 -49.56 20.74
C LYS C 33 -6.84 -48.45 20.54
N ASN C 34 -6.24 -48.05 21.65
CA ASN C 34 -5.14 -47.08 21.72
C ASN C 34 -5.51 -45.68 21.23
N ILE C 35 -6.34 -44.98 22.01
CA ILE C 35 -6.86 -43.68 21.58
C ILE C 35 -7.20 -42.89 22.86
N PHE C 36 -6.93 -43.49 24.01
CA PHE C 36 -7.12 -42.85 25.31
C PHE C 36 -5.96 -43.15 26.25
N THR C 37 -6.03 -42.66 27.48
CA THR C 37 -4.99 -42.91 28.49
C THR C 37 -5.63 -43.02 29.87
N GLU C 38 -5.01 -43.80 30.76
CA GLU C 38 -5.63 -44.06 32.06
C GLU C 38 -5.73 -42.85 33.01
N ASP C 39 -5.07 -41.73 32.69
CA ASP C 39 -5.42 -40.52 33.41
C ASP C 39 -6.58 -39.83 32.72
N HIS C 40 -6.62 -39.90 31.41
CA HIS C 40 -7.71 -39.33 30.64
C HIS C 40 -8.98 -40.02 31.14
N SER C 41 -8.91 -41.35 31.15
CA SER C 41 -9.99 -42.21 31.57
C SER C 41 -10.27 -42.06 33.06
N GLU C 42 -9.24 -41.74 33.85
CA GLU C 42 -9.46 -41.42 35.26
C GLU C 42 -10.33 -40.17 35.34
N LEU C 43 -9.97 -39.16 34.54
CA LEU C 43 -10.67 -37.88 34.52
C LEU C 43 -12.12 -38.14 34.15
N ILE C 44 -12.39 -39.04 33.20
CA ILE C 44 -13.78 -39.26 32.82
C ILE C 44 -14.57 -40.29 33.66
N SER C 45 -13.89 -41.24 34.31
CA SER C 45 -14.59 -42.29 35.08
C SER C 45 -15.13 -41.93 36.47
N LYS C 46 -14.44 -41.07 37.19
CA LYS C 46 -14.95 -40.54 38.46
C LYS C 46 -15.55 -39.14 38.29
N MSE C 47 -16.78 -39.08 37.79
CA MSE C 47 -17.52 -37.83 37.58
C MSE C 47 -18.96 -37.98 38.05
O MSE C 47 -19.67 -38.89 37.62
CB MSE C 47 -17.50 -37.40 36.12
CG MSE C 47 -16.12 -37.28 35.49
SE MSE C 47 -14.90 -36.15 36.50
CE MSE C 47 -15.85 -34.45 36.45
N SER C 48 -19.39 -37.07 38.93
CA SER C 48 -20.69 -37.16 39.60
C SER C 48 -21.91 -37.30 38.68
N THR C 49 -22.11 -36.35 37.77
CA THR C 49 -23.22 -36.43 36.82
C THR C 49 -22.72 -37.05 35.50
N ARG C 50 -23.66 -37.47 34.65
CA ARG C 50 -23.37 -38.14 33.39
C ARG C 50 -22.99 -37.10 32.32
N LEU C 51 -23.61 -35.92 32.40
CA LEU C 51 -23.28 -34.78 31.53
C LEU C 51 -21.79 -34.38 31.68
N GLU C 52 -21.20 -34.74 32.81
CA GLU C 52 -19.77 -34.56 33.03
C GLU C 52 -18.94 -35.52 32.22
N ARG C 53 -19.26 -36.79 32.36
CA ARG C 53 -18.58 -37.85 31.65
C ARG C 53 -18.72 -37.71 30.15
N ILE C 54 -19.86 -37.15 29.72
CA ILE C 54 -20.14 -36.92 28.30
C ILE C 54 -19.37 -35.72 27.72
N ALA C 55 -19.38 -34.59 28.44
CA ALA C 55 -18.64 -33.41 27.97
C ALA C 55 -17.11 -33.61 27.96
N ASN C 56 -16.60 -34.34 28.94
CA ASN C 56 -15.19 -34.74 28.93
C ASN C 56 -14.83 -35.82 27.91
N PHE C 57 -15.78 -36.69 27.60
CA PHE C 57 -15.52 -37.72 26.62
C PHE C 57 -15.44 -37.04 25.24
N LEU C 58 -16.32 -36.07 25.00
CA LEU C 58 -16.28 -35.34 23.73
C LEU C 58 -15.16 -34.29 23.58
N ARG C 59 -14.71 -33.66 24.66
CA ARG C 59 -13.52 -32.79 24.57
C ARG C 59 -12.23 -33.61 24.39
N ILE C 60 -11.97 -34.46 25.38
CA ILE C 60 -10.82 -35.38 25.43
C ILE C 60 -10.63 -36.27 24.20
N TYR C 61 -11.73 -36.76 23.61
CA TYR C 61 -11.61 -37.64 22.45
C TYR C 61 -10.95 -37.00 21.23
N ARG C 62 -11.28 -35.75 20.93
CA ARG C 62 -10.80 -35.12 19.71
C ARG C 62 -9.28 -34.96 19.56
N ARG C 63 -8.49 -35.13 20.61
CA ARG C 63 -7.04 -34.94 20.45
C ARG C 63 -6.31 -36.24 20.10
N GLN C 64 -6.78 -37.35 20.63
CA GLN C 64 -5.97 -38.55 20.58
C GLN C 64 -6.18 -39.34 19.28
N ALA C 65 -7.43 -39.40 18.82
CA ALA C 65 -7.78 -40.20 17.66
C ALA C 65 -7.55 -39.45 16.34
N SER C 66 -7.04 -40.17 15.35
CA SER C 66 -6.86 -39.66 13.98
C SER C 66 -8.17 -39.46 13.21
N GLU C 67 -9.25 -40.01 13.75
CA GLU C 67 -10.56 -39.97 13.10
C GLU C 67 -11.67 -40.38 14.09
N LEU C 68 -12.91 -40.39 13.61
CA LEU C 68 -14.09 -40.74 14.40
C LEU C 68 -14.58 -42.18 14.15
N GLY C 69 -13.65 -43.13 14.15
CA GLY C 69 -13.99 -44.53 13.97
C GLY C 69 -14.38 -45.29 15.24
N PRO C 70 -13.46 -45.46 16.20
CA PRO C 70 -13.73 -46.24 17.43
C PRO C 70 -14.82 -45.68 18.34
N LEU C 71 -15.81 -45.02 17.75
CA LEU C 71 -16.98 -44.53 18.48
C LEU C 71 -18.22 -44.85 17.66
N ILE C 72 -18.05 -45.06 16.36
CA ILE C 72 -19.14 -45.65 15.59
C ILE C 72 -19.15 -47.15 15.83
N ASP C 73 -17.96 -47.75 15.73
CA ASP C 73 -17.71 -49.16 16.06
C ASP C 73 -17.83 -49.44 17.56
N PHE C 74 -18.63 -48.63 18.26
CA PHE C 74 -18.92 -48.83 19.68
C PHE C 74 -20.41 -48.64 19.99
N PHE C 75 -21.03 -47.58 19.51
CA PHE C 75 -22.46 -47.43 19.72
C PHE C 75 -23.23 -48.60 19.12
N ASN C 76 -22.65 -49.23 18.11
CA ASN C 76 -23.17 -50.50 17.59
C ASN C 76 -23.27 -51.58 18.67
N TYR C 77 -22.13 -52.02 19.19
CA TYR C 77 -22.05 -53.09 20.18
C TYR C 77 -22.83 -52.82 21.48
N ASN C 78 -22.95 -51.55 21.86
CA ASN C 78 -23.57 -51.18 23.14
C ASN C 78 -25.09 -51.09 23.18
N ASN C 79 -25.77 -51.67 22.20
CA ASN C 79 -27.24 -51.61 22.09
C ASN C 79 -27.76 -50.18 21.91
N GLN C 80 -26.83 -49.26 21.72
CA GLN C 80 -27.12 -47.87 21.40
C GLN C 80 -26.92 -47.64 19.90
N SER C 81 -27.35 -48.60 19.09
CA SER C 81 -27.15 -48.54 17.65
C SER C 81 -27.90 -47.41 16.94
N HIS C 82 -28.95 -46.92 17.57
CA HIS C 82 -29.70 -45.77 17.06
C HIS C 82 -28.86 -44.50 16.98
N LEU C 83 -27.70 -44.51 17.63
CA LEU C 83 -26.74 -43.41 17.57
C LEU C 83 -25.79 -43.64 16.39
N ALA C 84 -25.09 -44.77 16.41
CA ALA C 84 -24.13 -45.14 15.37
C ALA C 84 -24.72 -45.23 13.96
N ASP C 85 -26.03 -45.40 13.85
CA ASP C 85 -26.66 -45.38 12.52
C ASP C 85 -26.75 -43.96 12.02
N PHE C 86 -27.16 -43.05 12.90
CA PHE C 86 -27.21 -41.62 12.57
C PHE C 86 -25.81 -41.15 12.18
N LEU C 87 -24.80 -41.54 12.96
CA LEU C 87 -23.45 -41.12 12.66
C LEU C 87 -22.81 -41.76 11.40
N GLU C 88 -23.05 -43.05 11.15
CA GLU C 88 -22.56 -43.67 9.90
C GLU C 88 -23.29 -43.15 8.68
N ASP C 89 -24.56 -42.82 8.86
CA ASP C 89 -25.34 -42.22 7.79
C ASP C 89 -24.76 -40.86 7.45
N TYR C 90 -24.35 -40.10 8.47
CA TYR C 90 -23.80 -38.75 8.26
C TYR C 90 -22.40 -38.84 7.59
N ILE C 91 -21.61 -39.81 8.04
CA ILE C 91 -20.27 -40.04 7.48
C ILE C 91 -20.44 -40.50 6.04
N ASP C 92 -21.62 -41.05 5.72
CA ASP C 92 -21.83 -41.48 4.35
C ASP C 92 -22.25 -40.22 3.62
N PHE C 93 -23.04 -39.37 4.28
CA PHE C 93 -23.41 -38.09 3.68
C PHE C 93 -22.27 -37.08 3.75
N ALA C 94 -21.04 -37.56 3.67
CA ALA C 94 -19.89 -36.66 3.61
C ALA C 94 -18.68 -37.34 2.95
N ILE C 95 -18.46 -38.63 3.25
CA ILE C 95 -17.39 -39.41 2.63
C ILE C 95 -17.76 -39.79 1.19
N ASN C 96 -19.04 -40.11 1.05
CA ASN C 96 -19.67 -40.56 -0.18
C ASN C 96 -20.35 -39.48 -1.03
N GLU C 97 -20.25 -38.21 -0.65
CA GLU C 97 -20.90 -37.22 -1.48
C GLU C 97 -20.00 -35.99 -1.54
N PRO C 98 -19.80 -35.45 -2.75
CA PRO C 98 -18.90 -34.30 -2.81
C PRO C 98 -19.74 -33.04 -2.77
N ASP C 99 -20.89 -33.11 -2.11
CA ASP C 99 -21.82 -31.98 -2.06
C ASP C 99 -22.60 -31.91 -0.76
N LEU C 100 -22.71 -30.69 -0.24
CA LEU C 100 -23.34 -30.44 1.05
C LEU C 100 -24.11 -29.13 0.88
N LEU C 101 -23.59 -28.04 1.44
CA LEU C 101 -24.41 -26.84 1.61
C LEU C 101 -23.80 -25.53 1.07
N ARG C 102 -22.46 -25.47 0.92
CA ARG C 102 -21.78 -24.27 0.39
C ARG C 102 -22.05 -23.09 1.37
N PRO C 103 -21.43 -21.91 1.15
CA PRO C 103 -21.95 -20.79 1.94
C PRO C 103 -23.26 -20.18 1.42
N VAL C 104 -24.39 -20.58 2.00
CA VAL C 104 -25.71 -20.10 1.57
C VAL C 104 -26.67 -19.98 2.77
N VAL C 105 -27.90 -20.46 2.60
CA VAL C 105 -28.97 -20.21 3.55
C VAL C 105 -29.69 -21.48 3.99
N ILE C 106 -29.78 -21.64 5.32
CA ILE C 106 -30.60 -22.70 5.97
C ILE C 106 -31.15 -22.30 7.37
N ALA C 107 -30.86 -21.07 7.79
CA ALA C 107 -31.51 -20.49 8.99
C ALA C 107 -31.92 -19.04 8.70
N PRO C 108 -33.09 -18.86 8.05
CA PRO C 108 -33.45 -17.62 7.34
C PRO C 108 -33.80 -16.45 8.27
N GLN C 109 -33.83 -15.25 7.67
CA GLN C 109 -33.95 -13.93 8.31
C GLN C 109 -32.57 -13.35 8.48
N PHE C 110 -31.74 -13.54 7.46
CA PHE C 110 -30.45 -12.85 7.40
C PHE C 110 -30.76 -11.34 7.38
N SER C 111 -32.06 -11.05 7.33
CA SER C 111 -32.68 -9.73 7.33
C SER C 111 -32.42 -8.92 8.59
N ARG C 112 -32.22 -9.64 9.69
CA ARG C 112 -31.81 -8.99 10.94
C ARG C 112 -30.34 -9.25 11.18
N GLN C 113 -29.76 -10.21 10.47
CA GLN C 113 -28.34 -10.50 10.63
C GLN C 113 -27.51 -9.54 9.81
N MSE C 114 -27.38 -9.91 8.54
CA MSE C 114 -26.70 -9.10 7.54
C MSE C 114 -27.21 -7.68 7.38
O MSE C 114 -26.44 -6.75 7.48
CB MSE C 114 -26.76 -9.82 6.20
CG MSE C 114 -26.11 -9.03 5.08
SE MSE C 114 -27.37 -8.84 3.62
CE MSE C 114 -28.02 -7.01 3.88
N LEU C 115 -28.51 -7.50 7.15
CA LEU C 115 -29.08 -6.15 7.11
C LEU C 115 -28.94 -5.41 8.43
N ASP C 116 -29.66 -5.85 9.46
CA ASP C 116 -29.62 -5.15 10.73
C ASP C 116 -28.20 -5.27 11.32
N ARG C 117 -27.89 -6.43 11.88
CA ARG C 117 -26.81 -6.54 12.84
C ARG C 117 -25.41 -6.20 12.29
N LYS C 118 -24.99 -6.88 11.22
CA LYS C 118 -23.63 -6.68 10.70
C LYS C 118 -23.40 -5.34 10.02
N LEU C 119 -24.38 -4.85 9.26
CA LEU C 119 -24.25 -3.55 8.61
C LEU C 119 -24.11 -2.47 9.65
N LEU C 120 -25.06 -2.47 10.59
CA LEU C 120 -25.13 -1.49 11.65
C LEU C 120 -23.87 -1.45 12.51
N LEU C 121 -23.33 -2.63 12.81
CA LEU C 121 -22.18 -2.65 13.71
C LEU C 121 -20.91 -2.18 13.01
N GLY C 122 -20.87 -2.33 11.69
CA GLY C 122 -19.79 -1.83 10.86
C GLY C 122 -20.00 -0.38 10.45
N ASN C 123 -20.98 0.28 11.06
CA ASN C 123 -21.29 1.69 10.81
C ASN C 123 -21.60 1.98 9.35
N VAL C 124 -22.16 1.01 8.65
CA VAL C 124 -22.61 1.27 7.29
C VAL C 124 -23.88 2.08 7.38
N PRO C 125 -23.96 3.19 6.65
CA PRO C 125 -25.14 4.05 6.63
C PRO C 125 -26.36 3.39 5.99
N LYS C 126 -27.54 3.84 6.39
CA LYS C 126 -28.82 3.24 6.02
C LYS C 126 -29.20 3.46 4.57
N GLN C 127 -28.64 2.64 3.67
CA GLN C 127 -28.88 2.64 2.21
C GLN C 127 -30.09 3.45 1.74
N MSE C 128 -29.94 4.13 0.60
CA MSE C 128 -31.07 4.86 0.06
C MSE C 128 -32.05 3.97 -0.68
O MSE C 128 -31.68 2.94 -1.24
CB MSE C 128 -30.56 5.98 -0.84
CG MSE C 128 -29.75 7.00 -0.08
SE MSE C 128 -30.56 8.76 0.10
CE MSE C 128 -32.44 8.21 0.15
N THR C 129 -33.31 4.39 -0.69
CA THR C 129 -34.39 3.49 -1.10
C THR C 129 -35.32 4.08 -2.18
N CYS C 130 -35.68 5.36 -2.02
CA CYS C 130 -36.66 5.99 -2.92
C CYS C 130 -36.13 6.21 -4.33
N TYR C 131 -34.83 6.09 -4.50
CA TYR C 131 -34.25 6.00 -5.85
C TYR C 131 -32.92 5.27 -5.79
N ILE C 132 -32.71 4.36 -6.72
CA ILE C 132 -31.45 3.64 -6.85
C ILE C 132 -30.88 3.76 -8.25
N ARG C 133 -29.61 4.13 -8.35
CA ARG C 133 -28.96 4.15 -9.64
C ARG C 133 -28.58 2.72 -9.98
N GLU C 134 -29.33 2.09 -10.86
CA GLU C 134 -29.14 0.68 -11.17
C GLU C 134 -27.68 0.40 -11.51
N TYR C 135 -27.28 0.86 -12.69
CA TYR C 135 -25.99 0.53 -13.30
C TYR C 135 -24.83 0.49 -12.33
N HIS C 136 -24.72 1.54 -11.51
CA HIS C 136 -23.52 1.73 -10.73
C HIS C 136 -23.54 0.77 -9.55
N VAL C 137 -24.60 0.79 -8.75
CA VAL C 137 -24.70 -0.13 -7.61
C VAL C 137 -24.49 -1.56 -8.09
N ASP C 138 -24.98 -1.84 -9.29
CA ASP C 138 -24.85 -3.15 -9.89
C ASP C 138 -23.38 -3.47 -10.14
N ARG C 139 -22.67 -2.56 -10.81
CA ARG C 139 -21.27 -2.85 -11.18
C ARG C 139 -20.38 -2.93 -9.95
N VAL C 140 -20.69 -2.11 -8.95
CA VAL C 140 -20.03 -2.24 -7.65
C VAL C 140 -20.20 -3.65 -7.11
N ILE C 141 -21.44 -4.14 -7.01
CA ILE C 141 -21.67 -5.48 -6.43
C ILE C 141 -20.92 -6.55 -7.26
N LYS C 142 -21.01 -6.43 -8.57
CA LYS C 142 -20.32 -7.33 -9.50
C LYS C 142 -18.82 -7.40 -9.26
N LYS C 143 -18.21 -6.22 -9.36
CA LYS C 143 -16.77 -6.09 -9.22
C LYS C 143 -16.31 -6.42 -7.80
N LEU C 144 -17.24 -6.45 -6.83
CA LEU C 144 -16.87 -6.90 -5.49
C LEU C 144 -16.88 -8.42 -5.44
N ASP C 145 -17.88 -9.04 -6.06
CA ASP C 145 -17.92 -10.49 -6.19
C ASP C 145 -16.69 -11.08 -6.88
N GLU C 146 -16.21 -10.40 -7.93
CA GLU C 146 -15.12 -10.96 -8.74
C GLU C 146 -13.84 -11.08 -7.94
N MSE C 147 -13.81 -10.38 -6.82
CA MSE C 147 -12.61 -10.14 -6.04
C MSE C 147 -12.67 -10.79 -4.66
O MSE C 147 -11.67 -10.81 -3.96
CB MSE C 147 -12.35 -8.64 -5.94
CG MSE C 147 -12.47 -7.97 -7.30
SE MSE C 147 -12.16 -6.05 -7.37
CE MSE C 147 -12.64 -5.79 -9.24
N CYS C 148 -13.83 -11.30 -4.27
CA CYS C 148 -13.99 -11.96 -2.96
C CYS C 148 -12.94 -13.05 -2.74
N ASP C 149 -12.39 -13.55 -3.83
CA ASP C 149 -11.29 -14.52 -3.80
C ASP C 149 -9.98 -13.85 -3.33
N LEU C 150 -9.68 -12.69 -3.91
CA LEU C 150 -8.49 -11.86 -3.64
C LEU C 150 -8.12 -11.51 -2.19
N ASP C 151 -6.82 -11.36 -1.94
CA ASP C 151 -6.28 -11.10 -0.60
C ASP C 151 -6.29 -9.64 -0.16
N SER C 152 -6.20 -8.75 -1.14
CA SER C 152 -6.21 -7.30 -0.91
C SER C 152 -6.32 -6.59 -2.24
N PHE C 153 -7.10 -5.52 -2.28
CA PHE C 153 -7.45 -4.90 -3.54
C PHE C 153 -8.12 -3.56 -3.32
N PHE C 154 -7.99 -2.67 -4.30
CA PHE C 154 -8.66 -1.39 -4.18
C PHE C 154 -9.78 -1.28 -5.19
N LEU C 155 -10.97 -0.91 -4.72
CA LEU C 155 -12.01 -0.55 -5.64
C LEU C 155 -12.25 0.93 -5.39
N PHE C 156 -12.02 1.73 -6.42
CA PHE C 156 -12.16 3.17 -6.30
C PHE C 156 -13.46 3.64 -6.90
N LEU C 157 -14.42 3.94 -6.05
CA LEU C 157 -15.68 4.45 -6.51
C LEU C 157 -15.53 5.96 -6.49
N HIS C 158 -14.86 6.48 -7.52
CA HIS C 158 -14.51 7.90 -7.61
C HIS C 158 -15.42 8.73 -8.51
N GLY C 159 -15.71 9.96 -8.08
CA GLY C 159 -16.49 10.89 -8.88
C GLY C 159 -16.39 12.31 -8.36
N ARG C 160 -17.14 13.20 -8.99
CA ARG C 160 -17.37 14.57 -8.50
C ARG C 160 -17.79 14.61 -7.02
N ALA C 161 -17.86 15.81 -6.47
CA ALA C 161 -18.34 15.98 -5.10
C ALA C 161 -19.86 16.02 -5.07
N GLY C 162 -20.44 15.29 -4.12
CA GLY C 162 -21.88 15.17 -4.04
C GLY C 162 -22.42 14.37 -5.22
N SER C 163 -21.52 13.76 -6.00
CA SER C 163 -21.92 13.01 -7.18
C SER C 163 -22.66 11.72 -6.83
N GLY C 164 -22.64 11.36 -5.56
CA GLY C 164 -23.44 10.26 -5.04
C GLY C 164 -22.74 8.94 -4.75
N LYS C 165 -21.41 8.98 -4.69
CA LYS C 165 -20.60 7.78 -4.55
C LYS C 165 -20.86 7.03 -3.25
N SER C 166 -20.93 7.77 -2.14
CA SER C 166 -21.03 7.11 -0.84
C SER C 166 -22.39 6.44 -0.71
N VAL C 167 -23.41 7.09 -1.23
CA VAL C 167 -24.75 6.57 -1.18
C VAL C 167 -24.86 5.24 -1.94
N ILE C 168 -24.28 5.20 -3.13
CA ILE C 168 -24.17 4.00 -3.94
C ILE C 168 -23.40 2.88 -3.22
N ALA C 169 -22.39 3.25 -2.41
CA ALA C 169 -21.65 2.24 -1.67
C ALA C 169 -22.52 1.72 -0.54
N SER C 170 -23.36 2.61 -0.03
CA SER C 170 -24.33 2.30 1.01
C SER C 170 -25.30 1.27 0.49
N GLN C 171 -25.64 1.42 -0.80
CA GLN C 171 -26.68 0.61 -1.42
C GLN C 171 -26.16 -0.73 -1.88
N ALA C 172 -24.94 -0.75 -2.41
CA ALA C 172 -24.35 -1.99 -2.88
C ALA C 172 -24.06 -2.98 -1.77
N LEU C 173 -23.83 -2.49 -0.56
CA LEU C 173 -23.67 -3.37 0.61
C LEU C 173 -24.91 -3.57 1.46
N SER C 174 -26.07 -3.13 1.00
CA SER C 174 -27.26 -3.21 1.84
C SER C 174 -28.41 -3.90 1.12
N LYS C 175 -28.30 -3.92 -0.20
CA LYS C 175 -29.22 -4.64 -1.06
C LYS C 175 -29.02 -6.15 -0.98
N SER C 176 -28.02 -6.64 -1.71
CA SER C 176 -27.69 -8.07 -1.72
C SER C 176 -27.54 -8.73 -0.35
N ASP C 177 -27.43 -10.06 -0.34
CA ASP C 177 -27.05 -10.80 0.86
C ASP C 177 -25.71 -11.51 0.71
N GLN C 178 -25.09 -11.35 -0.46
CA GLN C 178 -23.85 -12.06 -0.80
C GLN C 178 -22.62 -11.39 -0.24
N LEU C 179 -22.48 -10.10 -0.54
CA LEU C 179 -21.31 -9.32 -0.16
C LEU C 179 -20.96 -9.48 1.30
N ILE C 180 -21.97 -9.44 2.17
CA ILE C 180 -21.74 -9.68 3.60
C ILE C 180 -22.29 -11.05 3.99
N GLY C 181 -21.39 -12.01 4.25
CA GLY C 181 -21.81 -13.36 4.60
C GLY C 181 -21.35 -14.45 3.65
N ILE C 182 -21.57 -14.24 2.35
CA ILE C 182 -21.19 -15.19 1.31
C ILE C 182 -19.78 -14.90 0.82
N ASN C 183 -19.55 -13.66 0.39
CA ASN C 183 -18.27 -13.24 -0.16
C ASN C 183 -17.32 -12.69 0.90
N TYR C 184 -17.86 -12.00 1.89
CA TYR C 184 -17.03 -11.50 2.98
C TYR C 184 -17.71 -11.74 4.32
N ASP C 185 -16.92 -12.06 5.34
CA ASP C 185 -17.46 -12.38 6.66
C ASP C 185 -17.96 -11.15 7.43
N SER C 186 -17.17 -10.09 7.44
CA SER C 186 -17.58 -8.88 8.15
C SER C 186 -17.41 -7.60 7.32
N ILE C 187 -18.03 -6.52 7.81
CA ILE C 187 -17.93 -5.21 7.19
C ILE C 187 -17.44 -4.13 8.19
N VAL C 188 -16.49 -3.32 7.73
CA VAL C 188 -16.04 -2.13 8.45
C VAL C 188 -16.09 -0.90 7.55
N TRP C 189 -16.99 0.05 7.83
CA TRP C 189 -17.10 1.25 7.00
C TRP C 189 -16.74 2.51 7.78
N LEU C 190 -15.66 3.16 7.37
CA LEU C 190 -15.10 4.31 8.09
C LEU C 190 -14.95 5.51 7.16
N LYS C 191 -15.41 6.67 7.61
CA LYS C 191 -15.22 7.92 6.88
C LYS C 191 -13.88 8.59 7.21
N ASP C 192 -13.13 8.97 6.19
CA ASP C 192 -11.82 9.59 6.40
C ASP C 192 -11.99 11.09 6.57
N SER C 193 -11.86 11.82 5.46
CA SER C 193 -12.00 13.26 5.40
C SER C 193 -10.82 13.94 6.10
N GLY C 194 -9.70 13.23 6.15
CA GLY C 194 -8.50 13.67 6.82
C GLY C 194 -7.68 14.63 6.00
N THR C 195 -7.24 15.73 6.62
CA THR C 195 -6.52 16.80 5.94
C THR C 195 -5.19 17.04 6.63
N ALA C 196 -5.23 17.05 7.96
CA ALA C 196 -4.01 17.16 8.75
C ALA C 196 -3.14 15.92 8.50
N PRO C 197 -1.87 15.96 8.92
CA PRO C 197 -0.97 14.81 8.78
C PRO C 197 -1.17 13.82 9.91
N LYS C 198 -1.80 14.29 10.98
CA LYS C 198 -2.14 13.42 12.10
C LYS C 198 -3.41 12.61 11.84
N SER C 199 -4.15 12.95 10.79
CA SER C 199 -5.43 12.28 10.48
C SER C 199 -5.38 10.82 9.98
N THR C 200 -4.40 10.51 9.16
CA THR C 200 -4.23 9.20 8.55
C THR C 200 -3.83 8.11 9.54
N PHE C 201 -3.30 8.51 10.69
CA PHE C 201 -2.95 7.58 11.74
C PHE C 201 -4.15 7.40 12.68
N ASP C 202 -4.83 8.51 12.95
CA ASP C 202 -5.98 8.50 13.83
C ASP C 202 -7.05 7.58 13.23
N LEU C 203 -7.11 7.59 11.90
CA LEU C 203 -8.08 6.77 11.18
C LEU C 203 -7.89 5.31 11.56
N PHE C 204 -6.70 4.80 11.27
CA PHE C 204 -6.44 3.39 11.52
C PHE C 204 -6.42 3.06 13.01
N THR C 205 -6.43 4.10 13.85
CA THR C 205 -6.64 3.89 15.28
C THR C 205 -8.10 3.51 15.52
N ASP C 206 -8.99 4.09 14.72
CA ASP C 206 -10.39 3.84 14.99
C ASP C 206 -10.80 2.61 14.19
N ILE C 207 -9.98 2.21 13.22
CA ILE C 207 -10.12 0.87 12.65
C ILE C 207 -9.81 -0.14 13.74
N LEU C 208 -8.54 -0.21 14.14
CA LEU C 208 -8.13 -0.99 15.32
C LEU C 208 -9.21 -1.11 16.40
N LEU C 209 -9.97 -0.03 16.66
CA LEU C 209 -11.08 -0.13 17.64
C LEU C 209 -12.44 -0.62 17.07
N MSE C 210 -12.68 -0.39 15.79
CA MSE C 210 -13.81 -0.98 15.06
C MSE C 210 -13.71 -2.49 15.06
O MSE C 210 -14.71 -3.20 14.97
CB MSE C 210 -13.86 -0.49 13.61
CG MSE C 210 -14.55 0.86 13.38
SE MSE C 210 -16.27 1.07 14.27
CE MSE C 210 -17.07 -0.65 13.78
N LEU C 211 -12.47 -2.96 15.19
CA LEU C 211 -12.15 -4.38 15.24
C LEU C 211 -12.38 -4.96 16.63
N LYS C 212 -11.89 -4.29 17.66
CA LYS C 212 -11.88 -4.80 19.02
C LYS C 212 -13.24 -5.27 19.57
N SER C 213 -13.19 -6.38 20.32
CA SER C 213 -14.34 -7.06 20.92
C SER C 213 -15.17 -6.14 21.81
N GLU C 214 -16.44 -6.48 22.05
CA GLU C 214 -17.27 -5.67 22.96
C GLU C 214 -16.59 -5.65 24.32
N ASP C 215 -16.03 -6.80 24.69
CA ASP C 215 -15.11 -6.85 25.81
C ASP C 215 -13.87 -6.08 25.36
N ASP C 216 -13.21 -5.42 26.29
CA ASP C 216 -12.02 -4.60 26.01
C ASP C 216 -12.31 -3.47 25.02
N LEU C 217 -13.41 -2.72 25.25
CA LEU C 217 -13.54 -1.34 24.80
C LEU C 217 -13.40 -0.47 26.04
N LEU C 218 -13.63 -1.14 27.17
CA LEU C 218 -13.39 -0.64 28.53
C LEU C 218 -11.91 -0.45 28.77
N ASN C 219 -11.15 -1.47 28.42
CA ASN C 219 -9.70 -1.48 28.56
C ASN C 219 -8.95 -0.53 27.66
N PHE C 220 -9.66 0.10 26.72
CA PHE C 220 -9.06 1.12 25.86
C PHE C 220 -8.07 1.97 26.64
N PRO C 221 -6.78 1.89 26.24
CA PRO C 221 -5.71 2.69 26.81
C PRO C 221 -5.56 4.09 26.24
N SER C 222 -4.64 4.83 26.82
CA SER C 222 -4.17 6.10 26.27
C SER C 222 -3.34 5.69 25.03
N VAL C 223 -3.95 4.95 24.12
CA VAL C 223 -3.33 4.44 22.89
C VAL C 223 -2.81 5.49 21.91
N GLU C 224 -3.27 6.72 22.07
CA GLU C 224 -2.81 7.90 21.33
C GLU C 224 -1.27 7.94 21.15
N HIS C 225 -0.52 7.38 22.10
CA HIS C 225 0.95 7.33 21.98
C HIS C 225 1.64 5.98 21.87
N VAL C 226 1.91 5.68 20.60
CA VAL C 226 2.51 4.45 20.13
C VAL C 226 2.79 4.65 18.65
N THR C 227 3.95 4.19 18.19
CA THR C 227 4.41 4.44 16.82
C THR C 227 3.41 3.93 15.79
N SER C 228 3.57 4.37 14.55
CA SER C 228 2.71 3.90 13.48
C SER C 228 2.94 2.43 13.18
N VAL C 229 4.19 1.99 13.27
CA VAL C 229 4.57 0.60 13.02
C VAL C 229 3.92 -0.37 14.02
N VAL C 230 3.57 0.17 15.18
CA VAL C 230 3.00 -0.62 16.27
C VAL C 230 1.48 -0.65 16.08
N LEU C 231 0.84 0.48 15.80
CA LEU C 231 -0.58 0.45 15.44
C LEU C 231 -0.85 -0.49 14.26
N LYS C 232 0.05 -0.46 13.29
CA LYS C 232 -0.01 -1.29 12.08
C LYS C 232 0.11 -2.75 12.45
N ARG C 233 1.08 -3.04 13.32
CA ARG C 233 1.27 -4.42 13.75
C ARG C 233 0.07 -4.85 14.57
N MSE C 234 -0.46 -3.98 15.42
CA MSE C 234 -1.64 -4.26 16.24
C MSE C 234 -2.89 -4.53 15.40
O MSE C 234 -3.75 -5.34 15.78
CB MSE C 234 -1.92 -3.08 17.17
CG MSE C 234 -1.21 -3.18 18.50
SE MSE C 234 -1.79 -1.79 19.75
CE MSE C 234 -0.97 -0.24 18.93
N ILE C 235 -2.99 -3.87 14.25
CA ILE C 235 -4.12 -4.11 13.38
C ILE C 235 -3.94 -5.44 12.68
N CYS C 236 -2.84 -5.63 11.96
CA CYS C 236 -2.65 -6.86 11.20
C CYS C 236 -2.61 -8.05 12.17
N ASN C 237 -2.39 -7.75 13.45
CA ASN C 237 -2.59 -8.66 14.57
C ASN C 237 -4.07 -9.00 14.72
N ALA C 238 -4.80 -8.04 15.29
CA ALA C 238 -6.24 -8.16 15.52
C ALA C 238 -7.04 -8.52 14.26
N LEU C 239 -6.34 -8.64 13.14
CA LEU C 239 -6.98 -8.95 11.86
C LEU C 239 -6.99 -10.45 11.60
N ILE C 240 -6.41 -11.24 12.51
CA ILE C 240 -6.48 -12.69 12.39
C ILE C 240 -7.95 -13.10 12.59
N ASP C 241 -8.57 -12.63 13.66
CA ASP C 241 -9.98 -12.93 13.95
C ASP C 241 -10.94 -12.48 12.84
N ARG C 242 -10.41 -11.97 11.73
CA ARG C 242 -11.28 -11.44 10.68
C ARG C 242 -10.95 -12.06 9.31
N PRO C 243 -11.51 -13.24 9.03
CA PRO C 243 -11.51 -13.88 7.71
C PRO C 243 -12.33 -13.03 6.77
N ASN C 244 -11.99 -13.01 5.47
CA ASN C 244 -12.66 -12.19 4.45
C ASN C 244 -13.46 -11.02 5.02
N THR C 245 -12.75 -9.92 5.27
CA THR C 245 -13.33 -8.70 5.81
C THR C 245 -13.29 -7.54 4.83
N LEU C 246 -14.43 -6.90 4.62
CA LEU C 246 -14.48 -5.78 3.70
C LEU C 246 -14.30 -4.45 4.43
N PHE C 247 -13.56 -3.55 3.79
CA PHE C 247 -13.29 -2.23 4.34
C PHE C 247 -13.84 -1.18 3.39
N VAL C 248 -14.83 -0.42 3.83
CA VAL C 248 -15.21 0.78 3.10
C VAL C 248 -14.53 2.02 3.68
N PHE C 249 -13.85 2.78 2.83
CA PHE C 249 -13.19 4.02 3.23
C PHE C 249 -13.91 5.20 2.58
N ASP C 250 -15.02 5.59 3.21
CA ASP C 250 -15.84 6.67 2.70
C ASP C 250 -15.15 8.02 2.79
N ASP C 251 -14.95 8.66 1.64
CA ASP C 251 -14.44 10.04 1.50
C ASP C 251 -12.95 10.09 1.86
N VAL C 252 -12.10 9.44 1.08
CA VAL C 252 -10.66 9.53 1.32
C VAL C 252 -10.10 10.75 0.59
N VAL C 253 -9.31 11.55 1.29
CA VAL C 253 -8.56 12.63 0.65
C VAL C 253 -7.05 12.46 0.60
N GLN C 254 -6.45 11.91 1.65
CA GLN C 254 -5.00 11.72 1.69
C GLN C 254 -4.54 10.33 1.21
N GLU C 255 -3.61 10.31 0.26
CA GLU C 255 -3.00 9.08 -0.24
C GLU C 255 -2.20 8.28 0.79
N GLU C 256 -2.13 8.81 2.01
CA GLU C 256 -1.42 8.12 3.06
C GLU C 256 -2.34 7.02 3.57
N THR C 257 -3.62 7.34 3.69
CA THR C 257 -4.65 6.32 3.84
C THR C 257 -4.33 5.13 2.91
N ILE C 258 -4.55 5.27 1.60
CA ILE C 258 -4.23 4.22 0.61
C ILE C 258 -2.88 3.50 0.80
N ARG C 259 -1.85 4.24 1.19
CA ARG C 259 -0.60 3.54 1.50
C ARG C 259 -0.66 2.64 2.72
N TRP C 260 -1.31 3.09 3.79
CA TRP C 260 -1.43 2.25 4.97
C TRP C 260 -2.26 1.03 4.61
N ALA C 261 -3.40 1.27 3.96
CA ALA C 261 -4.25 0.20 3.47
C ALA C 261 -3.48 -0.83 2.64
N GLN C 262 -2.44 -0.38 1.93
CA GLN C 262 -1.70 -1.30 1.08
C GLN C 262 -0.49 -1.95 1.79
N GLU C 263 -0.06 -1.37 2.90
CA GLU C 263 0.98 -1.98 3.71
C GLU C 263 0.33 -3.01 4.60
N LEU C 264 -0.92 -2.74 4.94
CA LEU C 264 -1.69 -3.59 5.84
C LEU C 264 -2.49 -4.65 5.08
N ARG C 265 -2.19 -4.77 3.78
CA ARG C 265 -2.79 -5.77 2.92
C ARG C 265 -4.30 -5.94 3.12
N LEU C 266 -5.00 -4.82 3.13
CA LEU C 266 -6.44 -4.75 3.35
C LEU C 266 -7.23 -4.89 2.05
N ARG C 267 -8.48 -5.27 2.20
CA ARG C 267 -9.42 -5.33 1.11
C ARG C 267 -10.32 -4.07 1.18
N CYS C 268 -10.16 -3.17 0.21
CA CYS C 268 -10.79 -1.84 0.28
C CYS C 268 -11.70 -1.35 -0.85
N LEU C 269 -12.91 -0.96 -0.47
CA LEU C 269 -13.75 -0.06 -1.23
C LEU C 269 -13.36 1.35 -0.79
N VAL C 270 -13.35 2.32 -1.72
CA VAL C 270 -12.94 3.70 -1.43
C VAL C 270 -13.90 4.67 -2.13
N THR C 271 -14.67 5.45 -1.38
CA THR C 271 -15.30 6.58 -2.07
C THR C 271 -14.39 7.78 -1.99
N THR C 272 -14.18 8.46 -3.11
CA THR C 272 -13.28 9.61 -3.16
C THR C 272 -13.60 10.58 -4.29
N ARG C 273 -13.01 11.76 -4.23
CA ARG C 273 -13.17 12.76 -5.29
C ARG C 273 -11.95 12.86 -6.18
N ASP C 274 -10.77 12.80 -5.56
CA ASP C 274 -9.51 12.85 -6.28
C ASP C 274 -9.16 11.44 -6.70
N VAL C 275 -9.02 11.23 -8.01
CA VAL C 275 -8.84 9.90 -8.55
C VAL C 275 -7.39 9.41 -8.50
N GLU C 276 -6.45 10.35 -8.51
CA GLU C 276 -5.02 10.01 -8.61
C GLU C 276 -4.39 9.32 -7.40
N ILE C 277 -5.09 9.25 -6.27
CA ILE C 277 -4.56 8.58 -5.08
C ILE C 277 -4.25 7.10 -5.33
N SER C 278 -4.72 6.59 -6.46
CA SER C 278 -4.56 5.18 -6.78
C SER C 278 -3.14 4.95 -7.27
N ASN C 279 -2.47 6.03 -7.68
CA ASN C 279 -1.08 5.90 -8.06
C ASN C 279 -0.25 5.52 -6.83
N ALA C 280 -0.81 5.76 -5.64
CA ALA C 280 -0.15 5.34 -4.40
C ALA C 280 -0.09 3.80 -4.28
N ALA C 281 -1.09 3.12 -4.85
CA ALA C 281 -1.17 1.65 -4.80
C ALA C 281 -0.53 1.03 -6.03
N SER C 282 0.43 0.16 -5.79
CA SER C 282 0.98 -0.69 -6.85
C SER C 282 0.31 -2.06 -6.99
N GLN C 283 -0.78 -2.12 -7.74
CA GLN C 283 -1.67 -3.28 -7.72
C GLN C 283 -2.79 -3.27 -8.74
N THR C 284 -3.53 -4.38 -8.71
CA THR C 284 -4.81 -4.54 -9.39
C THR C 284 -5.56 -3.37 -8.79
N CYS C 285 -5.61 -2.30 -9.55
CA CYS C 285 -6.43 -1.18 -9.17
C CYS C 285 -7.44 -1.19 -10.27
N GLU C 286 -8.67 -1.18 -9.80
CA GLU C 286 -9.89 -1.27 -10.57
C GLU C 286 -10.74 -0.11 -10.21
N PHE C 287 -11.49 0.33 -11.20
CA PHE C 287 -12.16 1.60 -11.09
C PHE C 287 -13.63 1.56 -11.52
N ILE C 288 -14.44 2.38 -10.87
CA ILE C 288 -15.83 2.59 -11.31
C ILE C 288 -16.07 4.08 -11.16
N GLU C 289 -16.29 4.75 -12.29
CA GLU C 289 -16.41 6.21 -12.27
C GLU C 289 -17.87 6.65 -12.14
N VAL C 290 -18.13 7.52 -11.16
CA VAL C 290 -19.49 8.03 -10.96
C VAL C 290 -19.78 9.25 -11.81
N THR C 291 -20.38 9.04 -12.97
CA THR C 291 -20.68 10.13 -13.90
C THR C 291 -21.80 11.04 -13.41
N SER C 292 -22.05 12.13 -14.12
CA SER C 292 -23.14 13.04 -13.80
C SER C 292 -24.47 12.37 -14.14
N LEU C 293 -25.48 12.56 -13.30
CA LEU C 293 -26.81 12.02 -13.60
C LEU C 293 -27.36 12.41 -14.98
N GLU C 294 -27.47 11.45 -15.90
CA GLU C 294 -28.03 11.68 -17.25
C GLU C 294 -29.38 12.37 -17.14
N ILE C 295 -29.85 13.00 -18.22
CA ILE C 295 -31.08 13.79 -18.15
C ILE C 295 -32.33 12.97 -17.76
N ASP C 296 -32.33 11.73 -18.23
CA ASP C 296 -33.43 10.80 -17.97
C ASP C 296 -33.38 10.28 -16.53
N GLU C 297 -32.19 9.96 -16.03
CA GLU C 297 -32.08 9.53 -14.63
C GLU C 297 -32.51 10.68 -13.73
N CYS C 298 -32.33 11.92 -14.19
CA CYS C 298 -32.73 13.07 -13.40
C CYS C 298 -34.25 13.05 -13.32
N TYR C 299 -34.89 12.76 -14.45
CA TYR C 299 -36.34 12.60 -14.44
C TYR C 299 -36.76 11.54 -13.41
N ASP C 300 -36.17 10.35 -13.52
CA ASP C 300 -36.46 9.22 -12.65
C ASP C 300 -36.37 9.67 -11.19
N PHE C 301 -35.30 10.39 -10.91
CA PHE C 301 -34.98 10.95 -9.59
C PHE C 301 -36.05 11.93 -9.09
N LEU C 302 -36.64 12.67 -10.01
CA LEU C 302 -37.66 13.68 -9.67
C LEU C 302 -38.99 13.02 -9.34
N GLU C 303 -39.42 12.18 -10.27
CA GLU C 303 -40.59 11.34 -10.13
C GLU C 303 -40.57 10.53 -8.82
N ALA C 304 -39.40 9.96 -8.53
CA ALA C 304 -39.17 9.11 -7.37
C ALA C 304 -39.59 9.72 -6.03
N TYR C 305 -39.40 11.02 -5.85
CA TYR C 305 -39.84 11.65 -4.61
C TYR C 305 -41.12 12.47 -4.79
N GLY C 306 -41.79 12.25 -5.91
CA GLY C 306 -43.07 12.85 -6.18
C GLY C 306 -43.15 14.17 -6.91
N MSE C 307 -42.13 14.49 -7.72
CA MSE C 307 -42.13 15.77 -8.42
C MSE C 307 -42.79 15.63 -9.80
O MSE C 307 -42.37 14.80 -10.59
CB MSE C 307 -40.71 16.33 -8.56
CG MSE C 307 -40.59 17.88 -8.59
SE MSE C 307 -41.69 19.03 -7.41
CE MSE C 307 -40.86 18.67 -5.68
N PRO C 308 -43.80 16.47 -10.09
CA PRO C 308 -44.65 16.49 -11.28
C PRO C 308 -43.85 16.79 -12.56
N MSE C 309 -44.07 15.95 -13.56
CA MSE C 309 -43.38 16.03 -14.84
C MSE C 309 -44.14 16.95 -15.82
O MSE C 309 -45.36 17.00 -15.79
CB MSE C 309 -43.25 14.62 -15.44
CG MSE C 309 -41.81 14.15 -15.62
SE MSE C 309 -40.98 13.87 -13.88
CE MSE C 309 -42.50 12.94 -13.06
N PRO C 310 -43.39 17.67 -16.69
CA PRO C 310 -43.83 18.80 -17.51
C PRO C 310 -44.96 18.52 -18.49
N VAL C 311 -45.46 19.61 -19.06
CA VAL C 311 -46.51 19.60 -20.08
C VAL C 311 -46.22 20.71 -21.11
N GLY C 312 -46.48 21.97 -20.79
CA GLY C 312 -46.11 23.03 -21.71
C GLY C 312 -44.66 22.87 -22.11
N GLU C 313 -44.26 23.45 -23.23
CA GLU C 313 -42.90 23.26 -23.72
C GLU C 313 -41.95 24.07 -22.88
N LYS C 314 -42.32 25.31 -22.58
CA LYS C 314 -41.53 26.06 -21.64
C LYS C 314 -41.91 25.73 -20.19
N GLU C 315 -41.76 24.44 -19.88
CA GLU C 315 -41.86 23.88 -18.53
C GLU C 315 -40.93 22.68 -18.55
N GLU C 316 -40.98 21.89 -19.62
CA GLU C 316 -39.95 20.89 -19.84
C GLU C 316 -38.65 21.63 -20.08
N ASP C 317 -38.74 22.83 -20.63
CA ASP C 317 -37.57 23.68 -20.83
C ASP C 317 -37.08 24.23 -19.49
N VAL C 318 -38.01 24.59 -18.60
CA VAL C 318 -37.66 25.05 -17.25
C VAL C 318 -36.88 23.98 -16.47
N LEU C 319 -37.26 22.74 -16.71
CA LEU C 319 -36.66 21.65 -15.97
C LEU C 319 -35.35 21.25 -16.66
N ASN C 320 -35.26 21.45 -17.98
CA ASN C 320 -33.98 21.30 -18.66
C ASN C 320 -33.04 22.42 -18.26
N LYS C 321 -33.60 23.56 -17.86
CA LYS C 321 -32.81 24.63 -17.27
C LYS C 321 -32.19 24.14 -15.98
N THR C 322 -33.01 23.53 -15.12
CA THR C 322 -32.45 22.97 -13.88
C THR C 322 -31.40 21.85 -14.08
N ILE C 323 -31.71 20.92 -14.98
CA ILE C 323 -30.81 19.80 -15.28
C ILE C 323 -29.52 20.29 -15.93
N GLU C 324 -29.64 21.39 -16.67
CA GLU C 324 -28.49 22.03 -17.28
C GLU C 324 -27.63 22.73 -16.25
N LEU C 325 -28.26 23.48 -15.38
CA LEU C 325 -27.55 24.22 -14.34
C LEU C 325 -26.77 23.28 -13.40
N SER C 326 -27.49 22.44 -12.67
CA SER C 326 -26.85 21.46 -11.78
C SER C 326 -26.25 20.28 -12.54
N SER C 327 -25.51 20.56 -13.61
CA SER C 327 -25.00 19.56 -14.58
C SER C 327 -25.00 18.10 -14.10
N GLY C 328 -26.20 17.53 -13.96
CA GLY C 328 -26.40 16.20 -13.41
C GLY C 328 -25.65 15.97 -12.11
N ASN C 329 -26.25 16.43 -11.01
CA ASN C 329 -25.59 16.29 -9.72
C ASN C 329 -26.53 16.05 -8.56
N PRO C 330 -26.58 14.79 -8.09
CA PRO C 330 -27.39 14.27 -6.98
C PRO C 330 -27.64 15.25 -5.85
N ALA C 331 -26.57 15.67 -5.18
CA ALA C 331 -26.63 16.54 -4.01
C ALA C 331 -27.34 17.90 -4.22
N THR C 332 -26.94 18.64 -5.24
CA THR C 332 -27.56 19.94 -5.50
C THR C 332 -28.95 19.80 -6.06
N LEU C 333 -29.20 18.67 -6.69
CA LEU C 333 -30.54 18.33 -7.14
C LEU C 333 -31.41 18.13 -5.90
N MSE C 334 -30.89 17.41 -4.92
CA MSE C 334 -31.62 17.17 -3.69
C MSE C 334 -31.92 18.42 -2.89
O MSE C 334 -33.05 18.59 -2.40
CB MSE C 334 -30.80 16.22 -2.81
CG MSE C 334 -31.51 15.76 -1.55
SE MSE C 334 -32.93 14.48 -1.89
CE MSE C 334 -34.43 15.67 -2.24
N MSE C 335 -30.93 19.30 -2.74
CA MSE C 335 -31.14 20.54 -2.02
C MSE C 335 -32.22 21.37 -2.68
O MSE C 335 -33.14 21.95 -2.05
CB MSE C 335 -29.86 21.39 -2.07
CG MSE C 335 -28.73 21.05 -1.15
SE MSE C 335 -27.08 21.41 -2.18
CE MSE C 335 -27.23 23.34 -2.46
N PHE C 336 -32.15 21.27 -4.00
CA PHE C 336 -33.06 21.93 -4.90
C PHE C 336 -34.48 21.42 -4.58
N PHE C 337 -34.69 20.10 -4.57
CA PHE C 337 -36.02 19.52 -4.28
C PHE C 337 -36.50 19.99 -2.90
N LYS C 338 -35.68 19.74 -1.86
CA LYS C 338 -36.02 20.12 -0.48
C LYS C 338 -36.43 21.57 -0.35
N SER C 339 -36.10 22.38 -1.35
CA SER C 339 -36.30 23.81 -1.25
C SER C 339 -37.34 24.27 -2.26
N CYS C 340 -37.93 23.32 -3.00
CA CYS C 340 -38.95 23.67 -3.99
C CYS C 340 -40.34 23.82 -3.39
N GLU C 341 -40.40 23.80 -2.06
CA GLU C 341 -41.61 24.05 -1.24
C GLU C 341 -42.99 23.74 -1.92
N PRO C 342 -43.64 24.68 -2.64
CA PRO C 342 -45.03 24.37 -3.06
C PRO C 342 -45.14 23.23 -4.07
N LYS C 343 -44.03 22.92 -4.76
CA LYS C 343 -43.90 21.85 -5.78
C LYS C 343 -44.13 22.34 -7.22
N THR C 344 -44.70 23.53 -7.36
CA THR C 344 -45.04 24.07 -8.67
C THR C 344 -43.80 24.22 -9.58
N PHE C 345 -43.97 24.01 -10.88
CA PHE C 345 -42.97 24.43 -11.88
C PHE C 345 -42.59 25.89 -11.79
N GLU C 346 -43.56 26.68 -11.36
CA GLU C 346 -43.41 28.12 -11.16
C GLU C 346 -42.30 28.40 -10.13
N LYS C 347 -42.49 27.98 -8.89
CA LYS C 347 -41.50 28.19 -7.84
C LYS C 347 -40.15 27.49 -8.12
N MSE C 348 -40.21 26.51 -9.03
CA MSE C 348 -39.04 25.80 -9.50
C MSE C 348 -38.21 26.66 -10.47
O MSE C 348 -36.97 26.69 -10.40
CB MSE C 348 -39.50 24.49 -10.18
CG MSE C 348 -38.60 23.28 -9.93
SE MSE C 348 -36.92 23.26 -10.89
CE MSE C 348 -37.57 22.98 -12.72
N ALA C 349 -38.90 27.42 -11.30
CA ALA C 349 -38.24 28.31 -12.24
C ALA C 349 -37.74 29.50 -11.46
N GLN C 350 -38.46 29.81 -10.39
CA GLN C 350 -38.04 30.86 -9.47
C GLN C 350 -36.63 30.52 -9.02
N LEU C 351 -36.44 29.25 -8.63
CA LEU C 351 -35.11 28.84 -8.18
C LEU C 351 -34.12 28.90 -9.35
N ASN C 352 -34.57 28.45 -10.54
CA ASN C 352 -33.73 28.55 -11.74
C ASN C 352 -33.16 29.94 -11.96
N ASN C 353 -33.93 30.95 -11.57
CA ASN C 353 -33.44 32.32 -11.61
C ASN C 353 -32.44 32.54 -10.49
N LYS C 354 -32.91 32.37 -9.25
CA LYS C 354 -32.03 32.50 -8.07
C LYS C 354 -30.62 31.92 -8.21
N LEU C 355 -30.44 30.90 -9.03
CA LEU C 355 -29.11 30.28 -9.16
C LEU C 355 -28.06 31.04 -9.98
N GLU C 356 -28.49 31.75 -11.03
CA GLU C 356 -27.56 32.52 -11.84
C GLU C 356 -27.20 33.85 -11.20
N SER C 357 -28.17 34.43 -10.48
CA SER C 357 -27.95 35.71 -9.82
C SER C 357 -27.69 35.70 -8.30
N ARG C 358 -27.26 34.56 -7.76
CA ARG C 358 -26.85 34.46 -6.35
C ARG C 358 -25.98 33.23 -6.14
N GLY C 359 -25.68 32.54 -7.24
CA GLY C 359 -24.87 31.33 -7.22
C GLY C 359 -25.41 30.23 -6.33
N LEU C 360 -24.55 29.31 -5.90
CA LEU C 360 -25.01 28.15 -5.16
C LEU C 360 -25.64 28.53 -3.82
N VAL C 361 -25.42 29.77 -3.39
CA VAL C 361 -25.88 30.18 -2.07
C VAL C 361 -27.39 30.39 -2.15
N GLY C 362 -27.93 30.25 -3.36
CA GLY C 362 -29.33 30.56 -3.60
C GLY C 362 -30.26 29.37 -3.33
N VAL C 363 -29.67 28.19 -3.31
CA VAL C 363 -30.45 26.96 -3.15
C VAL C 363 -29.93 26.05 -2.02
N GLU C 364 -28.92 26.54 -1.31
CA GLU C 364 -28.39 25.88 -0.12
C GLU C 364 -29.50 25.58 0.90
N CYS C 365 -29.53 24.31 1.32
CA CYS C 365 -30.62 23.76 2.13
C CYS C 365 -30.18 22.61 3.03
N ILE C 366 -31.03 22.26 4.00
CA ILE C 366 -30.80 21.06 4.79
C ILE C 366 -31.00 19.81 3.92
N THR C 367 -29.93 19.03 3.79
CA THR C 367 -29.96 17.86 2.94
C THR C 367 -29.20 16.75 3.64
N PRO C 368 -29.53 15.47 3.35
CA PRO C 368 -28.70 14.33 3.80
C PRO C 368 -27.18 14.50 3.64
N TYR C 369 -26.75 15.40 2.75
CA TYR C 369 -25.34 15.79 2.61
C TYR C 369 -24.84 16.56 3.83
N SER C 370 -23.61 16.27 4.24
CA SER C 370 -22.99 16.95 5.38
C SER C 370 -22.81 18.46 5.12
N TYR C 371 -23.06 18.89 3.88
CA TYR C 371 -22.73 20.23 3.43
C TYR C 371 -23.99 21.03 3.13
N LYS C 372 -24.00 22.28 3.58
CA LYS C 372 -25.07 23.22 3.33
C LYS C 372 -25.24 23.47 1.84
N SER C 373 -24.13 23.54 1.11
CA SER C 373 -24.17 23.76 -0.33
C SER C 373 -22.95 23.12 -0.97
N LEU C 374 -23.06 22.77 -2.25
CA LEU C 374 -22.02 22.03 -2.92
C LEU C 374 -20.72 22.83 -2.94
N ALA C 375 -20.83 24.12 -2.66
CA ALA C 375 -19.67 25.00 -2.67
C ALA C 375 -18.79 24.73 -1.47
N MSE C 376 -19.42 24.29 -0.38
CA MSE C 376 -18.73 23.92 0.84
C MSE C 376 -17.92 22.65 0.62
O MSE C 376 -16.92 22.41 1.28
CB MSE C 376 -19.71 23.72 1.99
CG MSE C 376 -20.63 24.91 2.18
SE MSE C 376 -20.77 25.41 4.06
CE MSE C 376 -21.09 23.65 4.87
N ALA C 377 -18.38 21.85 -0.33
CA ALA C 377 -17.73 20.58 -0.62
C ALA C 377 -16.56 20.90 -1.51
N LEU C 378 -16.83 21.62 -2.59
CA LEU C 378 -15.82 21.87 -3.62
C LEU C 378 -14.68 22.68 -3.01
N GLN C 379 -15.02 23.47 -2.00
CA GLN C 379 -14.04 24.20 -1.19
C GLN C 379 -12.77 23.36 -1.02
N ARG C 380 -12.94 22.23 -0.35
CA ARG C 380 -11.84 21.35 -0.02
C ARG C 380 -11.11 20.89 -1.28
N CYS C 381 -11.90 20.44 -2.27
CA CYS C 381 -11.38 19.91 -3.53
C CYS C 381 -10.46 20.93 -4.21
N VAL C 382 -10.62 22.18 -3.82
CA VAL C 382 -9.92 23.29 -4.44
C VAL C 382 -8.71 23.67 -3.61
N GLU C 383 -8.80 23.48 -2.29
CA GLU C 383 -7.66 23.80 -1.42
C GLU C 383 -6.47 22.86 -1.66
N VAL C 384 -6.76 21.56 -1.77
CA VAL C 384 -5.72 20.55 -1.98
C VAL C 384 -4.93 20.75 -3.25
N LEU C 385 -5.52 21.52 -4.17
CA LEU C 385 -4.98 21.62 -5.52
C LEU C 385 -3.61 22.26 -5.55
N SER C 386 -2.72 21.69 -6.35
CA SER C 386 -1.44 22.29 -6.67
C SER C 386 -1.63 23.79 -6.93
N ASP C 387 -0.77 24.64 -6.37
CA ASP C 387 -0.90 26.10 -6.49
C ASP C 387 -1.15 26.59 -7.92
N GLU C 388 -0.49 25.92 -8.86
CA GLU C 388 -0.58 26.22 -10.28
C GLU C 388 -1.90 25.73 -10.86
N ASP C 389 -2.34 24.57 -10.39
CA ASP C 389 -3.60 24.05 -10.85
C ASP C 389 -4.71 24.89 -10.25
N ARG C 390 -4.44 25.42 -9.05
CA ARG C 390 -5.37 26.31 -8.37
C ARG C 390 -5.56 27.56 -9.21
N SER C 391 -4.48 27.90 -9.92
CA SER C 391 -4.50 29.06 -10.80
C SER C 391 -5.31 28.82 -12.07
N ALA C 392 -4.91 27.80 -12.82
CA ALA C 392 -5.62 27.38 -14.04
C ALA C 392 -7.13 27.28 -13.80
N LEU C 393 -7.50 26.63 -12.71
CA LEU C 393 -8.91 26.44 -12.38
C LEU C 393 -9.48 27.83 -12.14
N ALA C 394 -8.74 28.67 -11.40
CA ALA C 394 -9.27 29.95 -10.96
C ALA C 394 -9.64 30.81 -12.17
N PHE C 395 -8.94 30.55 -13.28
CA PHE C 395 -9.15 31.28 -14.52
C PHE C 395 -10.20 30.69 -15.45
N ALA C 396 -10.34 29.36 -15.45
CA ALA C 396 -11.37 28.73 -16.29
C ALA C 396 -12.80 29.26 -16.10
N VAL C 397 -13.00 30.27 -15.25
CA VAL C 397 -14.30 30.92 -15.14
C VAL C 397 -14.70 31.48 -16.50
N VAL C 398 -13.85 32.36 -17.02
CA VAL C 398 -14.13 33.09 -18.27
C VAL C 398 -14.25 32.20 -19.50
N MSE C 399 -14.68 30.95 -19.34
CA MSE C 399 -14.92 30.11 -20.50
C MSE C 399 -16.40 30.02 -20.78
O MSE C 399 -17.19 30.59 -20.04
CB MSE C 399 -14.32 28.73 -20.28
CG MSE C 399 -12.83 28.71 -20.54
SE MSE C 399 -12.55 29.78 -22.14
CE MSE C 399 -10.64 29.55 -22.35
N PRO C 400 -16.80 29.23 -21.78
CA PRO C 400 -18.22 28.96 -21.88
C PRO C 400 -18.49 27.61 -21.26
N PRO C 401 -19.48 27.53 -20.36
CA PRO C 401 -19.68 26.23 -19.76
C PRO C 401 -20.54 25.39 -20.68
N GLY C 402 -20.34 24.09 -20.63
CA GLY C 402 -21.12 23.17 -21.42
C GLY C 402 -20.88 23.47 -22.89
N VAL C 403 -19.61 23.66 -23.22
CA VAL C 403 -19.17 23.87 -24.59
C VAL C 403 -17.81 23.21 -24.75
N ASP C 404 -17.65 22.43 -25.81
CA ASP C 404 -16.38 21.75 -26.07
C ASP C 404 -15.42 22.70 -26.82
N ILE C 405 -14.28 23.00 -26.22
CA ILE C 405 -13.39 24.06 -26.74
C ILE C 405 -11.91 23.62 -26.71
N PRO C 406 -11.13 24.00 -27.74
CA PRO C 406 -9.73 23.64 -28.00
C PRO C 406 -8.74 24.02 -26.91
N VAL C 407 -7.55 23.40 -26.94
CA VAL C 407 -6.52 23.67 -25.94
C VAL C 407 -5.99 25.08 -26.10
N LYS C 408 -5.72 25.48 -27.34
CA LYS C 408 -5.22 26.82 -27.63
C LYS C 408 -6.24 27.88 -27.22
N LEU C 409 -7.50 27.65 -27.57
CA LEU C 409 -8.58 28.53 -27.11
C LEU C 409 -8.57 28.71 -25.59
N TRP C 410 -7.84 27.84 -24.88
CA TRP C 410 -7.70 27.91 -23.44
C TRP C 410 -6.38 28.56 -23.05
N SER C 411 -5.34 28.30 -23.85
CA SER C 411 -4.01 28.88 -23.65
C SER C 411 -4.03 30.40 -23.49
N CYS C 412 -5.14 31.02 -23.86
CA CYS C 412 -5.23 32.47 -23.80
C CYS C 412 -5.41 32.97 -22.39
N VAL C 413 -6.29 32.33 -21.62
CA VAL C 413 -6.51 32.75 -20.25
C VAL C 413 -5.62 32.05 -19.19
N ILE C 414 -5.22 30.80 -19.45
CA ILE C 414 -4.47 30.02 -18.45
C ILE C 414 -2.97 30.41 -18.37
N PRO C 415 -2.46 30.65 -17.14
CA PRO C 415 -1.07 30.96 -16.74
C PRO C 415 0.03 29.93 -17.07
N VAL C 416 1.27 30.39 -16.84
CA VAL C 416 2.53 29.64 -16.89
C VAL C 416 3.68 30.57 -16.53
N LEU C 426 5.97 24.90 -26.90
CA LEU C 426 4.76 24.12 -27.11
C LEU C 426 3.89 24.17 -25.87
N ASP C 427 2.70 24.77 -25.98
CA ASP C 427 1.79 24.78 -24.84
C ASP C 427 0.74 23.69 -24.89
N ASP C 428 1.21 22.50 -24.58
CA ASP C 428 0.42 21.31 -24.32
C ASP C 428 0.30 21.28 -22.80
N GLU C 429 1.25 21.94 -22.15
CA GLU C 429 1.28 22.12 -20.70
C GLU C 429 -0.07 22.58 -20.14
N VAL C 430 -0.78 23.38 -20.93
CA VAL C 430 -2.14 23.77 -20.56
C VAL C 430 -2.98 22.52 -20.42
N ALA C 431 -2.93 21.67 -21.45
CA ALA C 431 -3.65 20.41 -21.44
C ALA C 431 -3.23 19.57 -20.23
N ASP C 432 -1.94 19.55 -19.88
CA ASP C 432 -1.47 18.76 -18.76
C ASP C 432 -2.13 19.21 -17.46
N ARG C 433 -2.29 20.53 -17.34
CA ARG C 433 -2.94 21.08 -16.15
C ARG C 433 -4.41 20.74 -16.14
N LEU C 434 -5.06 20.87 -17.29
CA LEU C 434 -6.49 20.61 -17.38
C LEU C 434 -6.80 19.12 -17.16
N LYS C 435 -5.82 18.28 -17.46
CA LYS C 435 -5.90 16.87 -17.12
C LYS C 435 -5.82 16.66 -15.63
N ARG C 436 -4.70 17.07 -15.01
CA ARG C 436 -4.61 17.03 -13.53
C ARG C 436 -5.90 17.54 -12.88
N LEU C 437 -6.52 18.51 -13.54
CA LEU C 437 -7.69 19.23 -13.04
C LEU C 437 -9.00 18.45 -13.11
N SER C 438 -9.20 17.70 -14.19
CA SER C 438 -10.35 16.81 -14.24
C SER C 438 -10.16 15.55 -13.40
N LYS C 439 -8.97 14.96 -13.45
CA LYS C 439 -8.64 13.87 -12.52
C LYS C 439 -8.85 14.12 -11.01
N ARG C 440 -8.77 15.36 -10.56
CA ARG C 440 -8.66 15.69 -9.13
C ARG C 440 -9.89 16.43 -8.62
N GLY C 441 -11.05 15.81 -8.80
CA GLY C 441 -12.26 16.39 -8.28
C GLY C 441 -13.31 16.42 -9.35
N ALA C 442 -12.92 15.94 -10.53
CA ALA C 442 -13.76 15.89 -11.72
C ALA C 442 -14.34 17.28 -11.91
N LEU C 443 -13.43 18.22 -12.04
CA LEU C 443 -13.79 19.62 -12.13
C LEU C 443 -13.95 20.02 -13.59
N LEU C 444 -13.16 19.39 -14.46
CA LEU C 444 -13.28 19.60 -15.90
C LEU C 444 -14.08 18.52 -16.64
N SER C 445 -13.46 17.89 -17.64
CA SER C 445 -14.14 17.07 -18.66
C SER C 445 -13.30 16.88 -19.95
N GLY C 446 -12.66 15.72 -20.07
CA GLY C 446 -11.86 15.41 -21.25
C GLY C 446 -12.60 14.68 -22.37
N LYS C 447 -12.23 15.02 -23.61
CA LYS C 447 -12.85 14.52 -24.83
C LYS C 447 -11.77 14.49 -25.91
N ARG C 448 -11.21 13.31 -26.14
CA ARG C 448 -9.96 13.15 -26.87
C ARG C 448 -10.02 13.71 -28.31
N MSE C 449 -10.86 13.13 -29.16
CA MSE C 449 -11.10 13.66 -30.51
C MSE C 449 -12.55 14.19 -30.57
O MSE C 449 -13.36 13.85 -29.71
CB MSE C 449 -10.80 12.63 -31.60
CG MSE C 449 -11.83 11.60 -31.87
SE MSE C 449 -11.49 10.88 -33.66
CE MSE C 449 -12.02 12.40 -34.77
N PRO C 450 -12.90 14.97 -31.60
CA PRO C 450 -12.27 15.39 -32.87
C PRO C 450 -10.94 16.08 -32.73
N VAL C 451 -10.82 16.98 -31.76
CA VAL C 451 -9.55 17.62 -31.49
C VAL C 451 -9.41 17.62 -29.98
N LEU C 452 -8.18 17.47 -29.49
CA LEU C 452 -7.94 17.44 -28.05
C LEU C 452 -8.59 18.69 -27.46
N THR C 453 -9.71 18.45 -26.81
CA THR C 453 -10.55 19.49 -26.24
C THR C 453 -11.07 19.10 -24.86
N PHE C 454 -11.27 20.12 -24.02
CA PHE C 454 -11.85 19.96 -22.70
C PHE C 454 -13.16 20.70 -22.67
N LYS C 455 -13.78 20.73 -21.50
CA LYS C 455 -15.06 21.40 -21.32
C LYS C 455 -15.29 21.64 -19.86
N ILE C 456 -15.85 22.79 -19.55
CA ILE C 456 -16.20 23.13 -18.18
C ILE C 456 -17.72 23.05 -18.02
N ASP C 457 -18.16 22.28 -17.04
CA ASP C 457 -19.60 22.15 -16.76
C ASP C 457 -20.19 23.39 -16.11
N HIS C 458 -21.48 23.37 -15.82
CA HIS C 458 -22.10 24.53 -15.21
C HIS C 458 -21.95 24.67 -13.69
N ILE C 459 -22.03 23.57 -12.95
CA ILE C 459 -21.95 23.61 -11.48
C ILE C 459 -20.56 24.07 -11.04
N ILE C 460 -19.60 23.51 -11.77
CA ILE C 460 -18.21 23.78 -11.57
C ILE C 460 -17.91 25.22 -12.02
N HIS C 461 -18.90 25.88 -12.60
CA HIS C 461 -18.71 27.28 -12.98
C HIS C 461 -19.30 28.19 -11.91
N MSE C 462 -20.62 28.11 -11.65
CA MSE C 462 -21.22 28.99 -10.64
C MSE C 462 -20.62 28.79 -9.26
O MSE C 462 -20.95 29.52 -8.33
CB MSE C 462 -22.73 28.79 -10.55
CG MSE C 462 -23.48 29.19 -11.78
SE MSE C 462 -23.96 27.62 -12.81
CE MSE C 462 -24.71 28.54 -14.36
N PHE C 463 -19.74 27.80 -9.13
CA PHE C 463 -18.96 27.72 -7.91
C PHE C 463 -18.01 28.90 -8.01
N LEU C 464 -17.18 28.87 -9.06
CA LEU C 464 -16.21 29.92 -9.34
C LEU C 464 -16.73 31.35 -9.55
N LYS C 465 -17.83 31.54 -10.26
CA LYS C 465 -18.48 32.86 -10.34
C LYS C 465 -18.43 33.56 -8.99
N HIS C 466 -19.33 33.27 -8.07
CA HIS C 466 -19.32 33.98 -6.78
C HIS C 466 -18.19 33.54 -5.83
N VAL C 467 -17.02 33.23 -6.35
CA VAL C 467 -15.94 32.71 -5.51
C VAL C 467 -14.55 33.25 -5.89
N VAL C 468 -14.28 33.41 -7.18
CA VAL C 468 -13.00 33.99 -7.59
C VAL C 468 -13.03 35.49 -7.40
N ASP C 469 -11.85 36.10 -7.28
CA ASP C 469 -11.69 37.53 -7.08
C ASP C 469 -12.42 38.33 -8.16
N ALA C 470 -13.34 39.20 -7.74
CA ALA C 470 -14.17 40.00 -8.66
C ALA C 470 -13.38 40.68 -9.78
N GLN C 471 -12.12 41.01 -9.52
CA GLN C 471 -11.24 41.59 -10.54
C GLN C 471 -10.84 40.60 -11.63
N THR C 472 -10.35 39.44 -11.18
CA THR C 472 -9.80 38.39 -12.04
C THR C 472 -10.77 37.88 -13.11
N ILE C 473 -12.07 38.02 -12.84
CA ILE C 473 -13.07 37.76 -13.85
C ILE C 473 -12.88 38.71 -15.04
N ALA C 474 -13.01 40.01 -14.78
CA ALA C 474 -12.90 41.01 -15.84
C ALA C 474 -11.51 40.94 -16.50
N ASN C 475 -10.51 40.58 -15.70
CA ASN C 475 -9.16 40.42 -16.23
C ASN C 475 -9.03 39.22 -17.15
N GLY C 476 -9.76 38.14 -16.89
CA GLY C 476 -9.66 36.97 -17.74
C GLY C 476 -10.41 37.28 -19.03
N ILE C 477 -11.45 38.08 -18.90
CA ILE C 477 -12.23 38.49 -20.06
C ILE C 477 -11.36 39.34 -20.97
N SER C 478 -10.65 40.29 -20.38
CA SER C 478 -9.71 41.08 -21.16
C SER C 478 -8.53 40.28 -21.74
N ILE C 479 -7.84 39.49 -20.93
CA ILE C 479 -6.75 38.63 -21.43
C ILE C 479 -7.18 37.71 -22.57
N LEU C 480 -8.49 37.49 -22.64
CA LEU C 480 -9.00 36.68 -23.73
C LEU C 480 -9.23 37.58 -24.90
N GLU C 481 -9.98 38.65 -24.73
CA GLU C 481 -10.25 39.50 -25.87
C GLU C 481 -8.94 39.99 -26.51
N GLN C 482 -7.88 39.98 -25.70
CA GLN C 482 -6.54 40.31 -26.16
C GLN C 482 -5.90 39.23 -26.99
N ARG C 483 -5.61 38.08 -26.39
CA ARG C 483 -4.94 37.10 -27.21
C ARG C 483 -5.80 36.65 -28.39
N LEU C 484 -7.11 36.94 -28.33
CA LEU C 484 -8.01 36.50 -29.37
C LEU C 484 -7.60 37.42 -30.50
N LEU C 485 -7.48 38.71 -30.15
CA LEU C 485 -7.27 39.74 -31.17
C LEU C 485 -5.90 39.54 -31.82
N GLU C 486 -4.93 39.12 -31.02
CA GLU C 486 -3.59 38.82 -31.51
C GLU C 486 -3.60 37.61 -32.46
N ILE C 487 -4.50 36.65 -32.20
CA ILE C 487 -4.74 35.58 -33.17
C ILE C 487 -5.41 36.16 -34.43
N GLY C 488 -6.16 37.25 -34.24
CA GLY C 488 -6.76 37.95 -35.37
C GLY C 488 -5.75 38.68 -36.21
N ASN C 489 -4.58 38.97 -35.65
CA ASN C 489 -3.53 39.68 -36.39
C ASN C 489 -2.58 38.76 -37.18
N ASN C 490 -2.59 37.47 -36.86
CA ASN C 490 -1.79 36.48 -37.61
C ASN C 490 -2.08 36.55 -39.12
N ASN C 491 -3.31 36.94 -39.46
CA ASN C 491 -3.69 37.08 -40.85
C ASN C 491 -3.68 38.53 -41.30
N GLU C 521 -23.37 22.57 -31.12
CA GLU C 521 -23.82 21.44 -31.93
C GLU C 521 -22.77 20.33 -31.97
N THR C 522 -23.15 19.17 -32.51
CA THR C 522 -22.24 18.03 -32.63
C THR C 522 -21.06 18.33 -33.57
N VAL C 523 -20.67 19.60 -33.66
CA VAL C 523 -19.52 20.03 -34.42
C VAL C 523 -18.62 20.92 -33.57
N ILE C 524 -17.33 20.58 -33.54
CA ILE C 524 -16.33 21.36 -32.83
C ILE C 524 -16.11 22.69 -33.55
N ARG C 525 -15.69 23.70 -32.80
CA ARG C 525 -15.49 25.04 -33.34
C ARG C 525 -14.24 25.07 -34.20
N PRO C 526 -14.40 25.47 -35.47
CA PRO C 526 -13.26 25.42 -36.38
C PRO C 526 -12.21 26.51 -36.09
N GLU C 527 -11.01 26.23 -36.57
CA GLU C 527 -9.81 27.06 -36.40
C GLU C 527 -9.73 28.28 -37.32
N ASP C 528 -10.68 28.39 -38.22
CA ASP C 528 -10.81 29.56 -39.08
C ASP C 528 -11.57 30.62 -38.27
N PHE C 529 -12.24 30.14 -37.23
CA PHE C 529 -13.15 30.94 -36.41
C PHE C 529 -12.86 31.05 -34.90
N PRO C 530 -11.59 30.95 -34.47
CA PRO C 530 -11.41 31.14 -33.03
C PRO C 530 -11.41 32.62 -32.72
N LYS C 531 -10.98 33.38 -33.71
CA LYS C 531 -10.86 34.83 -33.66
C LYS C 531 -12.10 35.56 -33.12
N PHE C 532 -13.28 34.97 -33.27
CA PHE C 532 -14.47 35.58 -32.67
C PHE C 532 -15.14 34.70 -31.60
N MSE C 533 -14.74 34.86 -30.34
CA MSE C 533 -15.52 34.26 -29.26
C MSE C 533 -16.89 34.93 -29.09
O MSE C 533 -17.64 34.62 -28.15
CB MSE C 533 -14.75 34.34 -27.94
CG MSE C 533 -13.95 33.08 -27.64
SE MSE C 533 -15.03 31.46 -27.78
CE MSE C 533 -14.61 30.66 -26.04
N GLN C 534 -17.23 35.81 -30.02
CA GLN C 534 -18.44 36.60 -29.92
C GLN C 534 -19.64 35.66 -30.09
N LEU C 535 -19.37 34.44 -30.56
CA LEU C 535 -20.43 33.45 -30.66
C LEU C 535 -21.07 33.27 -29.28
N HIS C 536 -20.23 33.21 -28.24
CA HIS C 536 -20.72 33.01 -26.86
C HIS C 536 -20.86 34.37 -26.18
N GLN C 537 -21.04 35.42 -26.99
CA GLN C 537 -21.25 36.77 -26.46
C GLN C 537 -22.33 36.86 -25.41
N LYS C 538 -23.43 36.16 -25.62
CA LYS C 538 -24.51 36.18 -24.65
C LYS C 538 -23.97 35.91 -23.27
N PHE C 539 -23.36 34.74 -23.06
CA PHE C 539 -22.92 34.48 -21.71
C PHE C 539 -21.72 35.32 -21.39
N TYR C 540 -20.92 35.64 -22.40
CA TYR C 540 -19.76 36.45 -22.11
C TYR C 540 -20.26 37.80 -21.65
N ASP C 541 -21.42 38.21 -22.16
CA ASP C 541 -21.93 39.52 -21.79
C ASP C 541 -22.41 39.54 -20.34
N SER C 542 -22.80 38.37 -19.84
CA SER C 542 -23.34 38.31 -18.49
C SER C 542 -22.23 38.36 -17.48
N LEU C 543 -21.29 37.45 -17.65
CA LEU C 543 -20.07 37.46 -16.87
C LEU C 543 -19.52 38.89 -16.77
N LYS C 544 -19.63 39.67 -17.85
CA LYS C 544 -18.90 40.93 -17.80
C LYS C 544 -19.58 41.84 -16.80
N ASN C 545 -20.90 41.90 -16.85
CA ASN C 545 -21.65 42.74 -15.92
C ASN C 545 -21.33 42.38 -14.46
N PHE C 546 -20.90 41.13 -14.25
CA PHE C 546 -20.66 40.66 -12.90
C PHE C 546 -19.39 41.29 -12.31
N ALA C 547 -18.40 41.53 -13.17
CA ALA C 547 -17.11 41.98 -12.67
C ALA C 547 -16.98 43.50 -12.67
N CYS C 548 -17.53 44.12 -13.71
CA CYS C 548 -17.42 45.57 -13.91
C CYS C 548 -18.45 46.34 -13.10
N CYS C 549 -19.69 45.83 -13.09
CA CYS C 549 -20.82 46.48 -12.44
C CYS C 549 -21.01 47.87 -13.04
N LEU D 2 -6.71 35.57 -4.75
CA LEU D 2 -7.71 34.74 -5.40
C LEU D 2 -8.52 33.94 -4.39
N PHE D 3 -9.66 33.38 -4.82
CA PHE D 3 -10.43 32.45 -4.00
C PHE D 3 -10.77 32.94 -2.59
N ASN D 4 -11.87 33.68 -2.42
CA ASN D 4 -12.24 34.21 -1.11
C ASN D 4 -12.38 33.13 -0.03
N PHE D 5 -11.30 32.93 0.71
CA PHE D 5 -11.16 31.80 1.63
C PHE D 5 -11.56 30.49 0.94
N MSE D 6 -10.96 30.22 -0.22
CA MSE D 6 -11.15 28.98 -0.98
C MSE D 6 -12.60 28.50 -1.06
O MSE D 6 -13.09 28.08 -2.11
CB MSE D 6 -10.26 27.88 -0.40
CG MSE D 6 -9.02 27.53 -1.27
SE MSE D 6 -7.49 28.73 -1.21
CE MSE D 6 -6.34 27.66 -0.04
MG MG E . 14.07 1.28 0.71
PG ATP F . 15.41 3.64 -1.54
O1G ATP F . 16.44 2.71 -0.94
O2G ATP F . 14.05 3.53 -0.88
O3G ATP F . 15.89 5.05 -1.79
PB ATP F . 14.62 1.61 -3.33
O1B ATP F . 14.00 1.08 -2.05
O2B ATP F . 15.77 0.89 -3.99
O3B ATP F . 15.15 3.10 -3.04
PA ATP F . 12.11 0.96 -4.43
O1A ATP F . 12.45 -0.50 -4.47
O2A ATP F . 11.19 1.48 -3.35
O3A ATP F . 13.47 1.82 -4.44
O5' ATP F . 11.45 1.33 -5.84
C5' ATP F . 11.34 2.70 -6.22
C4' ATP F . 10.15 2.80 -7.15
O4' ATP F . 10.47 2.35 -8.47
C3' ATP F . 9.00 1.93 -6.70
O3' ATP F . 8.15 2.62 -5.77
C2' ATP F . 8.29 1.61 -8.00
O2' ATP F . 7.45 2.71 -8.33
C1' ATP F . 9.42 1.53 -9.01
N9 ATP F . 9.85 0.11 -9.08
C8 ATP F . 11.01 -0.39 -8.60
N7 ATP F . 11.10 -1.73 -8.81
C5 ATP F . 9.97 -2.13 -9.44
C6 ATP F . 9.43 -3.42 -9.96
N6 ATP F . 10.11 -4.59 -9.84
N1 ATP F . 8.22 -3.38 -10.56
C2 ATP F . 7.52 -2.24 -10.68
N3 ATP F . 7.96 -1.04 -10.25
C4 ATP F . 9.16 -0.91 -9.62
MG MG G . -18.52 10.38 0.70
PG ATP H . -18.32 13.08 -1.27
O1G ATP H . -17.45 11.85 -1.48
O2G ATP H . -18.99 13.14 0.09
O3G ATP H . -17.69 14.38 -1.70
PB ATP H . -20.50 11.61 -2.26
O1B ATP H . -20.26 10.88 -0.96
O2B ATP H . -20.39 10.87 -3.57
O3B ATP H . -19.55 12.90 -2.30
PA ATP H . -23.11 11.30 -1.53
O1A ATP H . -22.88 9.86 -1.94
O2A ATP H . -23.10 11.69 -0.07
O3A ATP H . -21.99 12.20 -2.24
O5' ATP H . -24.47 11.82 -2.19
C5' ATP H . -24.64 13.22 -2.34
C4' ATP H . -26.08 13.55 -2.03
O4' ATP H . -26.96 13.20 -3.11
C3' ATP H . -26.64 12.79 -0.86
O3' ATP H . -26.20 13.29 0.42
C2' ATP H . -28.12 12.98 -1.05
O2' ATP H . -28.52 14.27 -0.56
C1' ATP H . -28.27 13.00 -2.57
N9 ATP H . -28.87 11.69 -2.96
C8 ATP H . -30.07 11.24 -2.51
N7 ATP H . -30.38 10.02 -3.03
C5 ATP H . -29.37 9.67 -3.83
C6 ATP H . -29.07 8.50 -4.70
N6 ATP H . -29.92 7.46 -4.79
N1 ATP H . -27.89 8.52 -5.38
C2 ATP H . -27.03 9.56 -5.30
N3 ATP H . -27.25 10.64 -4.54
C4 ATP H . -28.38 10.76 -3.80
#